data_4H2W
#
_entry.id   4H2W
#
_cell.length_a   99.695
_cell.length_b   101.248
_cell.length_c   102.997
_cell.angle_alpha   90.000
_cell.angle_beta   90.000
_cell.angle_gamma   90.000
#
_symmetry.space_group_name_H-M   'P 21 21 21'
#
loop_
_entity.id
_entity.type
_entity.pdbx_description
1 polymer 'Amino acid--[acyl-carrier-protein] ligase 1'
2 polymer 'Aminoacyl carrier protein'
3 non-polymer 'ZINC ION'
4 non-polymer 'CHLORIDE ION'
5 non-polymer "GUANOSINE-5'-MONOPHOSPHATE"
6 non-polymer 'ADENOSINE MONOPHOSPHATE'
7 non-polymer "4'-PHOSPHOPANTETHEINE"
8 water water
#
loop_
_entity_poly.entity_id
_entity_poly.type
_entity_poly.pdbx_seq_one_letter_code
_entity_poly.pdbx_strand_id
1 'polypeptide(L)'
;MGSSHHHHHHSSGLVPRGSHMNIAVLPNSPDTAPQIADPLDHLADKLFHSMGSDGVYARTALYESIVERLAALITSHREA
GTEALRFPPVMSRAQLEKSGYLKSFPNLLGCVCGLHGTEREINAAVSRFDAGGDWTTSLSPADLVLSPAACYPVYPIAAS
RGPLPKGGLRFDVAADCFRREPSKHLDRLQSFRMREYVCIGTPDDVSDFRERWMVRAQAIARDLGLTFRVDYASDPFFGR
AGKMLANNQRDQQLKFELLIPLRSEEQPTACMSFNYHREHFGTTWGIQDANGEPAHTGCVAFGMDRLAVAMFHTHGTDLS
AWPAKVRDILGLQPHVAAGAHGEGWR
;
A,B
2 'polypeptide(L)'
;MGSSHHHHHHSSGLVPRGSHMNATIREILAKFGQLPTPVDTIADEADLYAAGLSSFASVQLMLGIEEAFDIEFPDNLLNR
KSFASIKAIEDTVKLILDGKEAA
;
C,D
#
loop_
_chem_comp.id
_chem_comp.type
_chem_comp.name
_chem_comp.formula
5GP non-polymer GUANOSINE-5'-MONOPHOSPHATE 'C10 H14 N5 O8 P'
AMP non-polymer 'ADENOSINE MONOPHOSPHATE' 'C10 H14 N5 O7 P'
CL non-polymer 'CHLORIDE ION' 'Cl -1'
PNS non-polymer 4'-PHOSPHOPANTETHEINE 'C11 H23 N2 O7 P S'
ZN non-polymer 'ZINC ION' 'Zn 2'
#
# COMPACT_ATOMS: atom_id res chain seq x y z
N ASP A 38 -3.74 3.23 28.05
CA ASP A 38 -2.37 3.05 27.57
C ASP A 38 -1.62 4.39 27.57
N PRO A 39 -0.36 4.37 28.07
CA PRO A 39 0.51 5.55 28.22
C PRO A 39 0.76 6.38 26.95
N LEU A 40 0.65 5.76 25.78
CA LEU A 40 0.89 6.49 24.54
C LEU A 40 -0.36 7.20 24.04
N ASP A 41 -1.52 6.77 24.54
CA ASP A 41 -2.81 7.22 24.04
C ASP A 41 -2.95 8.72 23.96
N HIS A 42 -2.35 9.42 24.91
CA HIS A 42 -2.47 10.87 24.97
C HIS A 42 -1.78 11.56 23.78
N LEU A 43 -0.88 10.84 23.11
CA LEU A 43 -0.19 11.40 21.94
C LEU A 43 -1.08 11.51 20.71
N ALA A 44 -2.15 10.73 20.68
CA ALA A 44 -2.96 10.59 19.47
C ALA A 44 -3.48 11.93 18.98
N ASP A 45 -3.91 12.78 19.90
CA ASP A 45 -4.54 14.06 19.56
CA ASP A 45 -4.56 14.04 19.56
C ASP A 45 -3.71 14.94 18.65
N LYS A 46 -2.41 14.97 18.88
CA LYS A 46 -1.55 15.85 18.10
C LYS A 46 -0.90 15.17 16.89
N LEU A 47 -0.91 13.83 16.88
CA LEU A 47 -0.16 13.08 15.85
C LEU A 47 -1.01 12.40 14.77
N PHE A 48 -2.24 12.03 15.10
CA PHE A 48 -3.02 11.12 14.25
C PHE A 48 -4.47 11.55 14.16
N HIS A 49 -5.13 11.16 13.07
CA HIS A 49 -6.59 11.23 13.00
C HIS A 49 -7.12 9.85 12.69
N SER A 50 -8.29 9.53 13.23
CA SER A 50 -8.92 8.23 12.98
C SER A 50 -9.24 8.08 11.50
N MET A 51 -9.04 6.87 10.99
CA MET A 51 -9.46 6.48 9.66
C MET A 51 -10.45 5.31 9.74
N GLY A 52 -11.05 5.13 10.91
CA GLY A 52 -12.04 4.09 11.12
C GLY A 52 -11.52 2.67 11.12
N SER A 53 -10.25 2.49 11.48
CA SER A 53 -9.67 1.16 11.54
C SER A 53 -8.48 1.14 12.47
N ASP A 54 -8.50 0.23 13.44
CA ASP A 54 -7.41 0.13 14.41
C ASP A 54 -6.05 -0.08 13.73
N GLY A 55 -5.07 0.72 14.12
CA GLY A 55 -3.73 0.58 13.55
C GLY A 55 -3.53 1.25 12.20
N VAL A 56 -4.51 2.00 11.73
CA VAL A 56 -4.43 2.69 10.45
C VAL A 56 -4.88 4.12 10.68
N TYR A 57 -3.93 5.06 10.67
CA TYR A 57 -4.24 6.45 11.03
C TYR A 57 -3.70 7.44 10.02
N ALA A 58 -4.39 8.57 9.91
CA ALA A 58 -3.89 9.72 9.17
C ALA A 58 -2.86 10.42 10.03
N ARG A 59 -1.81 10.91 9.38
CA ARG A 59 -0.67 11.53 10.05
C ARG A 59 -0.71 13.05 9.92
N THR A 60 -0.62 13.76 11.03
CA THR A 60 -0.66 15.22 11.01
C THR A 60 0.67 15.76 10.50
N ALA A 61 0.71 17.04 10.18
CA ALA A 61 1.95 17.66 9.69
C ALA A 61 3.06 17.60 10.74
N LEU A 62 2.69 17.76 12.01
CA LEU A 62 3.67 17.68 13.09
C LEU A 62 4.35 16.33 13.08
N TYR A 63 3.53 15.28 13.02
CA TYR A 63 4.06 13.93 13.04
C TYR A 63 4.99 13.69 11.83
N GLU A 64 4.50 14.04 10.65
CA GLU A 64 5.26 13.77 9.43
C GLU A 64 6.53 14.56 9.37
N SER A 65 6.56 15.75 9.99
CA SER A 65 7.78 16.55 10.00
C SER A 65 8.90 15.83 10.74
N ILE A 66 8.54 15.11 11.80
CA ILE A 66 9.54 14.38 12.57
C ILE A 66 9.93 13.07 11.86
N VAL A 67 8.95 12.39 11.26
CA VAL A 67 9.27 11.21 10.45
C VAL A 67 10.30 11.58 9.38
N GLU A 68 10.08 12.70 8.70
CA GLU A 68 11.01 13.15 7.65
C GLU A 68 12.40 13.49 8.18
N ARG A 69 12.48 14.14 9.35
CA ARG A 69 13.80 14.46 9.88
CA ARG A 69 13.79 14.47 9.93
C ARG A 69 14.52 13.22 10.40
N LEU A 70 13.77 12.24 10.89
CA LEU A 70 14.38 10.98 11.31
C LEU A 70 14.93 10.24 10.09
N ALA A 71 14.18 10.23 8.98
CA ALA A 71 14.65 9.62 7.73
C ALA A 71 15.92 10.29 7.22
N ALA A 72 15.96 11.63 7.25
CA ALA A 72 17.17 12.36 6.85
C ALA A 72 18.35 12.02 7.76
N LEU A 73 18.11 11.92 9.06
CA LEU A 73 19.17 11.52 9.99
C LEU A 73 19.71 10.13 9.65
N ILE A 74 18.82 9.19 9.41
CA ILE A 74 19.27 7.84 9.09
C ILE A 74 20.09 7.86 7.78
N THR A 75 19.61 8.61 6.81
CA THR A 75 20.33 8.77 5.55
C THR A 75 21.74 9.32 5.76
N SER A 76 21.89 10.26 6.70
CA SER A 76 23.19 10.86 6.98
C SER A 76 24.19 9.82 7.52
N HIS A 77 23.70 8.69 8.02
CA HIS A 77 24.60 7.63 8.50
C HIS A 77 24.82 6.46 7.53
N ARG A 78 24.31 6.59 6.32
CA ARG A 78 24.41 5.54 5.31
C ARG A 78 25.87 5.26 4.97
N GLU A 79 26.26 3.99 4.89
CA GLU A 79 27.68 3.71 4.68
C GLU A 79 28.05 3.80 3.21
N ALA A 80 29.35 3.97 2.95
CA ALA A 80 29.86 4.11 1.59
C ALA A 80 29.45 2.94 0.69
N GLY A 81 29.19 3.25 -0.58
CA GLY A 81 28.93 2.22 -1.58
C GLY A 81 27.54 1.60 -1.49
N THR A 82 26.58 2.35 -0.96
CA THR A 82 25.22 1.81 -0.75
C THR A 82 24.28 2.26 -1.87
N GLU A 83 23.52 1.32 -2.43
CA GLU A 83 22.60 1.66 -3.51
C GLU A 83 21.20 1.83 -2.93
N ALA A 84 20.55 2.96 -3.19
CA ALA A 84 19.23 3.26 -2.62
C ALA A 84 18.09 2.88 -3.57
N LEU A 85 17.13 2.11 -3.06
CA LEU A 85 15.96 1.73 -3.84
C LEU A 85 14.74 2.03 -3.01
N ARG A 86 13.66 2.47 -3.67
CA ARG A 86 12.40 2.68 -2.95
C ARG A 86 11.33 1.77 -3.54
N PHE A 87 10.64 1.03 -2.68
CA PHE A 87 9.66 0.05 -3.12
C PHE A 87 8.25 0.54 -2.81
N PRO A 88 7.29 0.16 -3.65
CA PRO A 88 5.88 0.51 -3.42
C PRO A 88 5.33 -0.34 -2.26
N PRO A 89 4.08 -0.09 -1.84
CA PRO A 89 3.54 -0.85 -0.70
C PRO A 89 3.05 -2.25 -1.09
N VAL A 90 3.20 -2.63 -2.35
CA VAL A 90 2.84 -3.98 -2.77
C VAL A 90 4.01 -4.65 -3.44
N MET A 91 4.01 -5.98 -3.41
CA MET A 91 5.04 -6.74 -4.09
C MET A 91 4.44 -8.01 -4.70
N SER A 92 5.23 -8.67 -5.51
CA SER A 92 4.77 -9.84 -6.22
C SER A 92 4.43 -10.98 -5.24
N ARG A 93 3.25 -11.55 -5.38
CA ARG A 93 2.89 -12.69 -4.54
C ARG A 93 3.85 -13.87 -4.77
N ALA A 94 4.22 -14.09 -6.03
CA ALA A 94 5.13 -15.18 -6.36
C ALA A 94 6.48 -14.99 -5.65
N GLN A 95 6.99 -13.76 -5.62
CA GLN A 95 8.26 -13.51 -4.92
C GLN A 95 8.15 -13.78 -3.43
N LEU A 96 7.02 -13.39 -2.85
CA LEU A 96 6.89 -13.59 -1.42
C LEU A 96 6.73 -15.07 -1.07
N GLU A 97 5.97 -15.80 -1.90
CA GLU A 97 5.86 -17.26 -1.73
C GLU A 97 7.24 -17.89 -1.79
N LYS A 98 8.03 -17.46 -2.76
CA LYS A 98 9.35 -18.04 -2.94
C LYS A 98 10.27 -17.70 -1.76
N SER A 99 10.03 -16.56 -1.12
CA SER A 99 10.91 -16.15 -0.04
CA SER A 99 10.85 -16.08 0.00
C SER A 99 10.69 -16.92 1.26
N GLY A 100 9.63 -17.72 1.31
CA GLY A 100 9.37 -18.53 2.48
C GLY A 100 8.44 -17.92 3.50
N TYR A 101 7.85 -16.77 3.16
CA TYR A 101 7.03 -16.04 4.11
C TYR A 101 5.87 -16.87 4.67
N LEU A 102 5.29 -17.73 3.85
CA LEU A 102 4.19 -18.61 4.30
C LEU A 102 4.63 -19.66 5.32
N LYS A 103 5.89 -20.05 5.29
CA LYS A 103 6.41 -20.98 6.29
C LYS A 103 6.74 -20.29 7.62
N SER A 104 6.65 -18.97 7.65
CA SER A 104 7.03 -18.26 8.87
C SER A 104 5.89 -17.46 9.49
N PHE A 105 5.26 -16.60 8.66
CA PHE A 105 4.25 -15.66 9.16
C PHE A 105 2.94 -15.59 8.36
N PRO A 106 2.33 -16.75 8.04
CA PRO A 106 1.16 -16.69 7.14
C PRO A 106 0.01 -15.87 7.72
N ASN A 107 -0.11 -15.87 9.03
CA ASN A 107 -1.16 -15.13 9.71
C ASN A 107 -1.01 -13.60 9.63
N LEU A 108 0.15 -13.11 9.21
CA LEU A 108 0.40 -11.65 9.18
C LEU A 108 0.26 -11.02 7.80
N LEU A 109 0.13 -11.86 6.78
CA LEU A 109 0.15 -11.41 5.40
C LEU A 109 -1.14 -10.72 4.95
N GLY A 110 -1.02 -9.65 4.17
CA GLY A 110 -2.18 -9.06 3.51
C GLY A 110 -2.05 -9.32 2.03
N CYS A 111 -3.04 -9.97 1.43
CA CYS A 111 -3.00 -10.27 0.00
CA CYS A 111 -2.99 -10.24 0.01
C CYS A 111 -3.93 -9.30 -0.72
N VAL A 112 -3.56 -8.89 -1.92
CA VAL A 112 -4.43 -8.03 -2.69
C VAL A 112 -5.42 -8.91 -3.44
N CYS A 113 -6.71 -8.60 -3.33
CA CYS A 113 -7.73 -9.31 -4.08
CA CYS A 113 -7.74 -9.31 -4.07
C CYS A 113 -8.62 -8.29 -4.78
N GLY A 114 -9.23 -8.70 -5.88
CA GLY A 114 -10.06 -7.81 -6.66
C GLY A 114 -11.23 -8.53 -7.31
N LEU A 115 -12.10 -7.76 -7.95
CA LEU A 115 -13.21 -8.32 -8.70
C LEU A 115 -12.74 -8.50 -10.13
N HIS A 116 -12.49 -9.75 -10.52
CA HIS A 116 -11.79 -10.05 -11.77
C HIS A 116 -12.71 -10.51 -12.90
N GLY A 117 -14.00 -10.63 -12.64
CA GLY A 117 -14.93 -11.22 -13.60
C GLY A 117 -15.24 -10.41 -14.84
N THR A 118 -16.36 -10.75 -15.48
CA THR A 118 -16.86 -9.99 -16.62
C THR A 118 -17.79 -8.89 -16.10
N GLU A 119 -18.27 -8.03 -17.00
CA GLU A 119 -19.12 -6.93 -16.59
C GLU A 119 -20.35 -7.42 -15.82
N ARG A 120 -20.92 -8.53 -16.27
CA ARG A 120 -22.10 -9.09 -15.64
C ARG A 120 -21.80 -9.67 -14.26
N GLU A 121 -20.67 -10.37 -14.17
CA GLU A 121 -20.26 -10.96 -12.90
C GLU A 121 -20.00 -9.86 -11.89
N ILE A 122 -19.23 -8.86 -12.30
CA ILE A 122 -18.91 -7.73 -11.43
C ILE A 122 -20.18 -7.01 -11.00
N ASN A 123 -21.06 -6.75 -11.96
CA ASN A 123 -22.34 -6.10 -11.66
C ASN A 123 -23.17 -6.88 -10.65
N ALA A 124 -23.18 -8.20 -10.78
CA ALA A 124 -23.84 -9.09 -9.83
C ALA A 124 -23.29 -8.94 -8.40
N ALA A 125 -21.97 -8.90 -8.28
CA ALA A 125 -21.36 -8.70 -6.96
C ALA A 125 -21.82 -7.36 -6.38
N VAL A 126 -21.69 -6.30 -7.18
CA VAL A 126 -22.16 -4.98 -6.76
C VAL A 126 -23.64 -4.99 -6.38
N SER A 127 -24.47 -5.65 -7.19
CA SER A 127 -25.90 -5.74 -6.88
C SER A 127 -26.17 -6.37 -5.52
N ARG A 128 -25.40 -7.42 -5.17
CA ARG A 128 -25.56 -8.06 -3.87
C ARG A 128 -25.26 -7.09 -2.73
N PHE A 129 -24.28 -6.21 -2.93
CA PHE A 129 -23.94 -5.19 -1.94
C PHE A 129 -25.11 -4.23 -1.73
N ASP A 130 -25.67 -3.77 -2.84
CA ASP A 130 -26.86 -2.92 -2.81
C ASP A 130 -28.04 -3.62 -2.15
N ALA A 131 -28.10 -4.94 -2.30
CA ALA A 131 -29.23 -5.72 -1.76
C ALA A 131 -29.07 -6.03 -0.29
N GLY A 132 -27.90 -5.71 0.27
CA GLY A 132 -27.64 -5.99 1.67
C GLY A 132 -26.96 -7.33 1.87
N GLY A 133 -26.53 -7.95 0.78
CA GLY A 133 -25.77 -9.19 0.83
C GLY A 133 -24.28 -8.88 0.89
N ASP A 134 -23.47 -9.83 0.43
CA ASP A 134 -22.01 -9.74 0.56
C ASP A 134 -21.30 -9.78 -0.79
N TRP A 135 -20.83 -8.63 -1.26
CA TRP A 135 -20.15 -8.57 -2.55
C TRP A 135 -18.78 -9.24 -2.53
N THR A 136 -18.17 -9.34 -1.36
CA THR A 136 -16.79 -9.82 -1.25
C THR A 136 -16.59 -11.31 -1.59
N THR A 137 -17.68 -12.07 -1.68
CA THR A 137 -17.56 -13.48 -2.02
C THR A 137 -17.08 -13.66 -3.46
N SER A 138 -17.18 -12.59 -4.25
CA SER A 138 -16.67 -12.60 -5.61
C SER A 138 -15.20 -12.18 -5.74
N LEU A 139 -14.53 -11.88 -4.62
CA LEU A 139 -13.13 -11.47 -4.69
C LEU A 139 -12.26 -12.65 -5.11
N SER A 140 -11.25 -12.36 -5.92
CA SER A 140 -10.22 -13.36 -6.20
C SER A 140 -8.84 -12.74 -6.07
N PRO A 141 -7.84 -13.56 -5.70
CA PRO A 141 -6.49 -13.06 -5.44
C PRO A 141 -5.85 -12.45 -6.66
N ALA A 142 -5.16 -11.33 -6.49
CA ALA A 142 -4.27 -10.85 -7.52
C ALA A 142 -2.90 -11.51 -7.38
N ASP A 143 -1.99 -11.15 -8.25
CA ASP A 143 -0.62 -11.58 -8.19
C ASP A 143 0.20 -10.66 -7.29
N LEU A 144 -0.46 -9.97 -6.36
CA LEU A 144 0.23 -9.00 -5.48
C LEU A 144 -0.11 -9.21 -4.01
N VAL A 145 0.84 -8.92 -3.13
CA VAL A 145 0.54 -8.84 -1.70
C VAL A 145 1.02 -7.50 -1.17
N LEU A 146 0.56 -7.10 0.00
CA LEU A 146 1.10 -5.91 0.63
CA LEU A 146 1.09 -5.92 0.67
C LEU A 146 2.44 -6.31 1.23
N SER A 147 3.47 -5.50 0.98
CA SER A 147 4.83 -5.85 1.41
CA SER A 147 4.82 -5.86 1.41
C SER A 147 4.91 -5.96 2.93
N PRO A 148 5.37 -7.11 3.45
CA PRO A 148 5.52 -7.31 4.89
C PRO A 148 6.81 -6.73 5.48
N ALA A 149 7.81 -6.50 4.63
CA ALA A 149 9.07 -5.94 5.10
C ALA A 149 9.74 -5.35 3.88
N ALA A 150 10.60 -4.38 4.09
CA ALA A 150 11.17 -3.63 2.98
C ALA A 150 12.19 -4.42 2.15
N CYS A 151 12.85 -5.42 2.74
CA CYS A 151 14.01 -6.02 2.06
C CYS A 151 13.67 -7.05 0.98
N TYR A 152 12.52 -7.70 1.08
CA TYR A 152 12.21 -8.84 0.18
C TYR A 152 12.48 -8.61 -1.31
N PRO A 153 12.02 -7.46 -1.87
CA PRO A 153 12.24 -7.29 -3.31
C PRO A 153 13.70 -7.10 -3.69
N VAL A 154 14.58 -6.86 -2.71
CA VAL A 154 15.95 -6.56 -3.08
C VAL A 154 16.72 -7.82 -3.50
N TYR A 155 16.36 -8.97 -2.94
CA TYR A 155 17.13 -10.20 -3.21
C TYR A 155 17.06 -10.68 -4.68
N PRO A 156 15.85 -10.72 -5.27
CA PRO A 156 15.90 -11.09 -6.69
C PRO A 156 16.55 -10.02 -7.56
N ILE A 157 16.51 -8.76 -7.14
CA ILE A 157 17.21 -7.72 -7.90
C ILE A 157 18.72 -7.94 -7.83
N ALA A 158 19.23 -8.24 -6.64
CA ALA A 158 20.65 -8.55 -6.50
C ALA A 158 21.03 -9.77 -7.35
N ALA A 159 20.24 -10.84 -7.21
CA ALA A 159 20.52 -12.09 -7.94
C ALA A 159 20.59 -11.89 -9.45
N SER A 160 19.80 -10.96 -9.98
CA SER A 160 19.76 -10.76 -11.42
C SER A 160 21.06 -10.18 -12.00
N ARG A 161 21.97 -9.75 -11.15
CA ARG A 161 23.19 -9.11 -11.64
C ARG A 161 24.37 -10.07 -11.71
N GLY A 162 24.14 -11.33 -11.36
CA GLY A 162 25.20 -12.32 -11.40
C GLY A 162 25.91 -12.40 -10.07
N PRO A 163 27.13 -12.97 -10.07
CA PRO A 163 27.91 -13.11 -8.85
C PRO A 163 28.22 -11.75 -8.23
N LEU A 164 28.26 -11.72 -6.91
CA LEU A 164 28.57 -10.49 -6.18
C LEU A 164 30.03 -10.09 -6.35
N PRO A 165 30.30 -8.78 -6.34
CA PRO A 165 31.69 -8.35 -6.34
C PRO A 165 32.34 -8.69 -4.99
N LYS A 166 33.66 -8.62 -4.92
CA LYS A 166 34.34 -8.76 -3.64
C LYS A 166 33.85 -7.63 -2.73
N GLY A 167 33.55 -7.97 -1.48
CA GLY A 167 33.05 -7.00 -0.53
C GLY A 167 31.53 -7.00 -0.48
N GLY A 168 30.91 -7.61 -1.47
CA GLY A 168 29.46 -7.75 -1.50
C GLY A 168 28.71 -6.51 -1.98
N LEU A 169 27.39 -6.49 -1.76
CA LEU A 169 26.56 -5.37 -2.17
C LEU A 169 25.85 -4.82 -0.94
N ARG A 170 25.58 -3.52 -0.94
CA ARG A 170 24.89 -2.88 0.18
CA ARG A 170 24.90 -2.87 0.18
C ARG A 170 23.74 -2.07 -0.38
N PHE A 171 22.58 -2.19 0.25
CA PHE A 171 21.40 -1.51 -0.25
C PHE A 171 20.77 -0.67 0.85
N ASP A 172 20.10 0.40 0.43
CA ASP A 172 19.28 1.21 1.32
C ASP A 172 17.89 1.09 0.74
N VAL A 173 16.97 0.46 1.49
CA VAL A 173 15.63 0.24 0.97
C VAL A 173 14.59 0.82 1.91
N ALA A 174 13.43 1.16 1.37
CA ALA A 174 12.35 1.65 2.22
C ALA A 174 11.03 1.25 1.58
N ALA A 175 10.03 0.98 2.40
CA ALA A 175 8.70 0.68 1.88
C ALA A 175 7.70 0.91 2.98
N ASP A 176 6.46 1.23 2.59
CA ASP A 176 5.32 1.12 3.50
C ASP A 176 4.95 -0.34 3.62
N CYS A 177 5.01 -0.85 4.84
CA CYS A 177 4.82 -2.27 5.07
C CYS A 177 3.49 -2.51 5.75
N PHE A 178 3.05 -3.76 5.72
CA PHE A 178 1.74 -4.13 6.24
C PHE A 178 1.86 -5.38 7.07
N ARG A 179 1.25 -5.35 8.25
CA ARG A 179 1.18 -6.53 9.12
CA ARG A 179 1.13 -6.58 9.01
C ARG A 179 -0.26 -6.67 9.60
N ARG A 180 -0.86 -7.83 9.39
CA ARG A 180 -2.26 -8.01 9.75
C ARG A 180 -2.36 -8.28 11.22
N GLU A 181 -2.26 -7.23 12.02
CA GLU A 181 -2.41 -7.36 13.47
C GLU A 181 -3.06 -6.10 14.06
N PRO A 182 -4.40 -6.04 13.99
CA PRO A 182 -5.10 -4.85 14.47
C PRO A 182 -4.88 -4.68 15.97
N SER A 183 -4.61 -3.44 16.37
CA SER A 183 -4.38 -3.13 17.77
C SER A 183 -4.75 -1.69 17.95
N LYS A 184 -5.10 -1.31 19.17
CA LYS A 184 -5.35 0.11 19.48
C LYS A 184 -4.10 0.85 19.96
N HIS A 185 -3.02 0.11 20.23
CA HIS A 185 -1.79 0.75 20.72
C HIS A 185 -1.07 1.50 19.61
N LEU A 186 -0.60 2.71 19.91
CA LEU A 186 0.04 3.57 18.91
C LEU A 186 1.38 3.04 18.40
N ASP A 187 1.98 2.09 19.12
CA ASP A 187 3.23 1.48 18.68
C ASP A 187 3.00 0.12 17.99
N ARG A 188 1.76 -0.20 17.68
CA ARG A 188 1.47 -1.45 16.99
C ARG A 188 0.48 -1.19 15.85
N LEU A 189 1.02 -0.87 14.68
CA LEU A 189 0.20 -0.40 13.56
C LEU A 189 0.07 -1.51 12.53
N GLN A 190 -0.96 -1.45 11.70
CA GLN A 190 -1.04 -2.44 10.63
C GLN A 190 -0.29 -1.93 9.40
N SER A 191 -0.22 -0.61 9.25
CA SER A 191 0.47 -0.04 8.10
C SER A 191 1.52 0.91 8.63
N PHE A 192 2.79 0.68 8.28
CA PHE A 192 3.87 1.45 8.90
C PHE A 192 5.07 1.53 7.94
N ARG A 193 5.91 2.54 8.12
CA ARG A 193 7.07 2.74 7.24
C ARG A 193 8.30 2.04 7.77
N MET A 194 9.00 1.31 6.91
CA MET A 194 10.23 0.62 7.27
CA MET A 194 10.23 0.63 7.29
C MET A 194 11.39 1.16 6.45
N ARG A 195 12.55 1.29 7.08
CA ARG A 195 13.75 1.72 6.38
C ARG A 195 14.81 0.70 6.76
N GLU A 196 15.53 0.17 5.77
CA GLU A 196 16.52 -0.86 6.07
C GLU A 196 17.83 -0.64 5.31
N TYR A 197 18.94 -0.99 5.94
CA TYR A 197 20.17 -1.12 5.21
C TYR A 197 20.46 -2.62 5.14
N VAL A 198 20.75 -3.09 3.94
CA VAL A 198 20.87 -4.53 3.72
C VAL A 198 22.25 -4.83 3.20
N CYS A 199 22.86 -5.91 3.69
CA CYS A 199 24.18 -6.32 3.21
C CYS A 199 24.09 -7.74 2.64
N ILE A 200 24.66 -7.93 1.46
CA ILE A 200 24.61 -9.22 0.80
C ILE A 200 26.05 -9.53 0.40
N GLY A 201 26.61 -10.64 0.91
CA GLY A 201 28.02 -10.92 0.68
C GLY A 201 28.46 -12.20 1.35
N THR A 202 29.75 -12.31 1.68
CA THR A 202 30.24 -13.46 2.43
C THR A 202 29.80 -13.36 3.88
N PRO A 203 29.93 -14.47 4.65
CA PRO A 203 29.65 -14.39 6.09
C PRO A 203 30.47 -13.31 6.81
N ASP A 204 31.73 -13.13 6.41
CA ASP A 204 32.55 -12.08 6.99
C ASP A 204 32.05 -10.67 6.61
N ASP A 205 31.64 -10.50 5.36
CA ASP A 205 31.05 -9.22 4.93
C ASP A 205 29.87 -8.84 5.83
N VAL A 206 28.96 -9.78 6.01
CA VAL A 206 27.72 -9.50 6.76
C VAL A 206 27.99 -9.34 8.25
N SER A 207 28.91 -10.12 8.80
CA SER A 207 29.20 -10.00 10.22
C SER A 207 29.90 -8.66 10.53
N ASP A 208 30.74 -8.18 9.62
CA ASP A 208 31.35 -6.85 9.73
C ASP A 208 30.28 -5.75 9.69
N PHE A 209 29.37 -5.87 8.74
CA PHE A 209 28.23 -4.97 8.59
C PHE A 209 27.36 -5.00 9.85
N ARG A 210 27.13 -6.20 10.36
CA ARG A 210 26.33 -6.37 11.58
C ARG A 210 26.93 -5.67 12.79
N GLU A 211 28.23 -5.86 13.02
CA GLU A 211 28.92 -5.20 14.14
C GLU A 211 28.81 -3.68 14.02
N ARG A 212 29.03 -3.19 12.81
CA ARG A 212 28.96 -1.75 12.54
C ARG A 212 27.58 -1.18 12.84
N TRP A 213 26.52 -1.84 12.35
CA TRP A 213 25.18 -1.29 12.53
C TRP A 213 24.59 -1.45 13.93
N MET A 214 25.02 -2.48 14.66
CA MET A 214 24.65 -2.55 16.07
C MET A 214 25.21 -1.33 16.82
N VAL A 215 26.43 -0.94 16.51
CA VAL A 215 26.99 0.27 17.12
C VAL A 215 26.31 1.53 16.61
N ARG A 216 26.15 1.66 15.30
CA ARG A 216 25.58 2.87 14.74
C ARG A 216 24.12 3.08 15.17
N ALA A 217 23.35 2.00 15.24
CA ALA A 217 21.94 2.13 15.62
C ALA A 217 21.83 2.69 17.04
N GLN A 218 22.68 2.18 17.94
CA GLN A 218 22.71 2.67 19.30
C GLN A 218 23.17 4.12 19.38
N ALA A 219 24.16 4.48 18.55
CA ALA A 219 24.63 5.87 18.53
C ALA A 219 23.52 6.81 18.06
N ILE A 220 22.75 6.37 17.07
CA ILE A 220 21.63 7.16 16.59
C ILE A 220 20.56 7.34 17.69
N ALA A 221 20.17 6.25 18.35
CA ALA A 221 19.20 6.35 19.44
C ALA A 221 19.67 7.27 20.57
N ARG A 222 20.96 7.19 20.89
CA ARG A 222 21.53 8.07 21.91
CA ARG A 222 21.57 8.05 21.90
C ARG A 222 21.51 9.53 21.47
N ASP A 223 21.86 9.79 20.21
CA ASP A 223 21.82 11.17 19.69
C ASP A 223 20.40 11.73 19.70
N LEU A 224 19.42 10.85 19.51
CA LEU A 224 18.01 11.24 19.57
C LEU A 224 17.47 11.42 20.99
N GLY A 225 18.32 11.17 21.98
CA GLY A 225 17.93 11.32 23.38
C GLY A 225 17.01 10.23 23.90
N LEU A 226 17.04 9.06 23.25
CA LEU A 226 16.15 7.98 23.63
C LEU A 226 16.81 7.03 24.63
N THR A 227 16.00 6.45 25.50
CA THR A 227 16.47 5.44 26.46
C THR A 227 16.19 4.07 25.85
N PHE A 228 17.15 3.16 25.93
CA PHE A 228 16.94 1.87 25.31
C PHE A 228 17.83 0.81 25.94
N ARG A 229 17.49 -0.44 25.66
CA ARG A 229 18.46 -1.53 25.83
C ARG A 229 18.46 -2.37 24.58
N VAL A 230 19.50 -3.17 24.42
CA VAL A 230 19.58 -4.04 23.28
C VAL A 230 19.54 -5.47 23.79
N ASP A 231 18.84 -6.33 23.08
CA ASP A 231 18.78 -7.72 23.49
C ASP A 231 18.59 -8.58 22.29
N TYR A 232 18.86 -9.86 22.44
CA TYR A 232 18.57 -10.78 21.37
CA TYR A 232 18.57 -10.76 21.36
C TYR A 232 17.10 -11.16 21.49
N ALA A 233 16.48 -11.42 20.36
CA ALA A 233 15.06 -11.65 20.36
C ALA A 233 14.73 -12.58 19.22
N SER A 234 13.45 -12.69 18.90
CA SER A 234 13.03 -13.57 17.83
C SER A 234 11.86 -12.97 17.09
N ASP A 235 11.69 -13.36 15.83
CA ASP A 235 10.54 -12.94 15.04
C ASP A 235 9.31 -13.73 15.49
N PRO A 236 8.10 -13.20 15.25
CA PRO A 236 6.92 -13.92 15.70
C PRO A 236 6.50 -15.04 14.74
N PHE A 237 7.33 -16.05 14.60
CA PHE A 237 7.01 -17.20 13.74
C PHE A 237 5.69 -17.83 14.17
N PHE A 238 4.96 -18.39 13.21
CA PHE A 238 3.60 -18.89 13.45
C PHE A 238 3.57 -20.37 13.84
N GLY A 239 2.66 -20.72 14.72
CA GLY A 239 2.41 -22.13 15.03
C GLY A 239 3.50 -22.85 15.78
N ARG A 240 3.35 -24.16 15.89
CA ARG A 240 4.27 -24.98 16.67
C ARG A 240 5.64 -25.07 16.03
N ALA A 241 5.70 -25.14 14.71
CA ALA A 241 6.99 -25.09 14.01
C ALA A 241 7.65 -23.74 14.30
N GLY A 242 6.81 -22.72 14.46
CA GLY A 242 7.27 -21.37 14.77
C GLY A 242 7.94 -21.26 16.12
N LYS A 243 7.58 -22.12 17.06
CA LYS A 243 8.20 -22.15 18.37
C LYS A 243 9.65 -22.63 18.26
N MET A 244 9.88 -23.64 17.43
CA MET A 244 11.23 -24.13 17.20
C MET A 244 12.07 -23.09 16.47
N LEU A 245 11.47 -22.44 15.47
CA LEU A 245 12.19 -21.43 14.69
C LEU A 245 12.63 -20.28 15.61
N ALA A 246 11.72 -19.84 16.46
CA ALA A 246 11.99 -18.74 17.38
C ALA A 246 13.10 -19.12 18.36
N ASN A 247 13.04 -20.34 18.90
CA ASN A 247 14.08 -20.83 19.80
C ASN A 247 15.45 -20.82 19.15
N ASN A 248 15.54 -21.39 17.96
CA ASN A 248 16.78 -21.42 17.20
C ASN A 248 17.33 -20.03 16.91
N GLN A 249 16.44 -19.11 16.56
CA GLN A 249 16.86 -17.75 16.24
C GLN A 249 17.39 -17.05 17.48
N ARG A 250 16.69 -17.22 18.60
CA ARG A 250 17.14 -16.63 19.85
C ARG A 250 18.46 -17.26 20.32
N ASP A 251 18.55 -18.60 20.24
CA ASP A 251 19.76 -19.30 20.64
C ASP A 251 20.95 -18.93 19.78
N GLN A 252 20.73 -18.78 18.48
CA GLN A 252 21.81 -18.45 17.56
C GLN A 252 22.10 -16.95 17.51
N GLN A 253 21.32 -16.16 18.24
CA GLN A 253 21.49 -14.71 18.27
C GLN A 253 21.41 -14.08 16.88
N LEU A 254 20.42 -14.51 16.10
CA LEU A 254 20.30 -14.01 14.73
C LEU A 254 19.50 -12.71 14.70
N LYS A 255 18.86 -12.37 15.80
CA LYS A 255 18.05 -11.15 15.82
C LYS A 255 18.31 -10.31 17.08
N PHE A 256 18.80 -9.11 16.85
CA PHE A 256 19.02 -8.18 17.93
CA PHE A 256 19.13 -8.12 17.86
C PHE A 256 18.01 -7.07 17.79
N GLU A 257 17.50 -6.59 18.91
CA GLU A 257 16.50 -5.51 18.90
C GLU A 257 16.94 -4.39 19.82
N LEU A 258 16.64 -3.16 19.43
CA LEU A 258 16.83 -2.03 20.30
C LEU A 258 15.45 -1.71 20.87
N LEU A 259 15.33 -1.76 22.19
CA LEU A 259 14.03 -1.74 22.85
C LEU A 259 13.87 -0.47 23.64
N ILE A 260 12.77 0.23 23.42
CA ILE A 260 12.54 1.51 24.07
C ILE A 260 11.31 1.36 24.97
N PRO A 261 11.43 1.77 26.23
CA PRO A 261 10.26 1.71 27.11
C PRO A 261 9.25 2.78 26.71
N LEU A 262 8.15 2.38 26.11
CA LEU A 262 7.09 3.34 25.76
C LEU A 262 5.92 3.24 26.74
N ARG A 263 5.26 2.10 26.78
CA ARG A 263 4.16 1.94 27.74
C ARG A 263 4.62 1.44 29.11
N SER A 264 5.80 0.83 29.16
CA SER A 264 6.35 0.33 30.41
C SER A 264 7.80 -0.08 30.21
N GLU A 265 8.54 -0.17 31.31
CA GLU A 265 9.93 -0.62 31.23
C GLU A 265 10.02 -2.14 31.12
N GLU A 266 8.97 -2.82 31.58
CA GLU A 266 8.96 -4.28 31.54
C GLU A 266 8.49 -4.81 30.20
N GLN A 267 7.79 -3.96 29.46
CA GLN A 267 7.33 -4.33 28.12
C GLN A 267 7.75 -3.29 27.09
N PRO A 268 9.06 -3.16 26.86
CA PRO A 268 9.54 -2.12 25.95
C PRO A 268 9.21 -2.43 24.48
N THR A 269 9.39 -1.44 23.61
CA THR A 269 9.01 -1.61 22.21
C THR A 269 10.24 -1.64 21.31
N ALA A 270 10.33 -2.66 20.44
CA ALA A 270 11.45 -2.77 19.52
C ALA A 270 11.31 -1.73 18.41
N CYS A 271 12.27 -0.81 18.32
CA CYS A 271 12.19 0.26 17.34
C CYS A 271 13.24 0.14 16.25
N MET A 272 14.28 -0.65 16.51
CA MET A 272 15.27 -0.98 15.49
C MET A 272 15.63 -2.45 15.68
N SER A 273 16.01 -3.12 14.60
CA SER A 273 16.47 -4.52 14.74
C SER A 273 17.64 -4.81 13.82
N PHE A 274 18.45 -5.80 14.18
CA PHE A 274 19.40 -6.32 13.22
C PHE A 274 19.12 -7.79 13.04
N ASN A 275 18.97 -8.17 11.78
CA ASN A 275 18.57 -9.51 11.45
C ASN A 275 19.65 -10.17 10.60
N TYR A 276 20.22 -11.26 11.09
CA TYR A 276 21.18 -12.03 10.32
C TYR A 276 20.44 -13.25 9.74
N HIS A 277 20.41 -13.37 8.41
CA HIS A 277 19.64 -14.44 7.78
C HIS A 277 20.48 -15.63 7.37
N ARG A 278 21.77 -15.61 7.73
CA ARG A 278 22.75 -16.57 7.20
C ARG A 278 22.57 -16.71 5.69
N GLU A 279 22.58 -17.93 5.17
CA GLU A 279 22.50 -18.11 3.72
C GLU A 279 21.07 -18.33 3.19
N HIS A 280 20.08 -18.09 4.03
CA HIS A 280 18.67 -18.34 3.67
C HIS A 280 18.24 -17.69 2.36
N PHE A 281 18.37 -16.37 2.26
CA PHE A 281 17.97 -15.68 1.03
C PHE A 281 18.95 -15.88 -0.11
N GLY A 282 20.24 -16.05 0.22
CA GLY A 282 21.23 -16.31 -0.81
C GLY A 282 20.91 -17.62 -1.54
N THR A 283 20.52 -18.63 -0.78
CA THR A 283 20.16 -19.92 -1.36
CA THR A 283 20.18 -19.91 -1.39
C THR A 283 18.85 -19.84 -2.13
N THR A 284 17.87 -19.19 -1.51
CA THR A 284 16.55 -19.07 -2.12
C THR A 284 16.63 -18.43 -3.49
N TRP A 285 17.42 -17.38 -3.61
CA TRP A 285 17.45 -16.61 -4.85
C TRP A 285 18.65 -16.90 -5.74
N GLY A 286 19.47 -17.85 -5.35
CA GLY A 286 20.62 -18.21 -6.17
C GLY A 286 21.68 -17.12 -6.21
N ILE A 287 21.85 -16.40 -5.11
CA ILE A 287 22.87 -15.36 -5.06
C ILE A 287 24.20 -16.00 -4.67
N GLN A 288 25.21 -15.78 -5.50
CA GLN A 288 26.54 -16.31 -5.26
CA GLN A 288 26.57 -16.30 -5.33
C GLN A 288 27.51 -15.19 -4.86
N ASP A 289 28.26 -15.42 -3.79
CA ASP A 289 29.26 -14.43 -3.38
C ASP A 289 30.50 -14.51 -4.31
N ALA A 290 31.50 -13.69 -4.06
CA ALA A 290 32.69 -13.63 -4.91
C ALA A 290 33.50 -14.94 -4.94
N ASN A 291 33.27 -15.82 -3.96
CA ASN A 291 33.97 -17.10 -3.88
C ASN A 291 33.15 -18.25 -4.47
N GLY A 292 31.99 -17.92 -5.02
CA GLY A 292 31.12 -18.90 -5.61
C GLY A 292 30.22 -19.63 -4.62
N GLU A 293 30.15 -19.15 -3.38
CA GLU A 293 29.31 -19.77 -2.36
C GLU A 293 27.96 -19.06 -2.23
N PRO A 294 26.94 -19.77 -1.72
CA PRO A 294 25.65 -19.08 -1.54
C PRO A 294 25.80 -17.91 -0.56
N ALA A 295 25.41 -16.71 -0.99
CA ALA A 295 25.62 -15.49 -0.20
C ALA A 295 24.89 -15.47 1.13
N HIS A 296 25.49 -14.81 2.11
CA HIS A 296 24.82 -14.51 3.35
C HIS A 296 24.23 -13.12 3.23
N THR A 297 23.16 -12.87 3.99
CA THR A 297 22.56 -11.54 4.00
C THR A 297 22.24 -11.15 5.42
N GLY A 298 22.17 -9.84 5.66
CA GLY A 298 21.78 -9.33 6.97
C GLY A 298 21.20 -7.95 6.75
N CYS A 299 20.37 -7.49 7.69
CA CYS A 299 19.82 -6.15 7.53
C CYS A 299 19.64 -5.47 8.90
N VAL A 300 19.79 -4.15 8.91
CA VAL A 300 19.39 -3.35 10.06
C VAL A 300 18.10 -2.66 9.66
N ALA A 301 17.08 -2.75 10.50
CA ALA A 301 15.76 -2.22 10.17
C ALA A 301 15.38 -1.12 11.16
N PHE A 302 14.88 -0.01 10.65
CA PHE A 302 14.41 1.10 11.48
C PHE A 302 12.89 1.20 11.31
N GLY A 303 12.15 1.07 12.41
CA GLY A 303 10.69 1.23 12.33
C GLY A 303 10.41 2.72 12.45
N MET A 304 10.11 3.37 11.32
CA MET A 304 10.06 4.81 11.29
C MET A 304 8.91 5.35 12.14
N ASP A 305 7.78 4.68 12.11
CA ASP A 305 6.64 5.14 12.91
C ASP A 305 6.82 4.85 14.41
N ARG A 306 7.42 3.72 14.75
CA ARG A 306 7.78 3.49 16.15
C ARG A 306 8.78 4.51 16.65
N LEU A 307 9.82 4.81 15.86
CA LEU A 307 10.78 5.84 16.27
C LEU A 307 10.13 7.21 16.44
N ALA A 308 9.25 7.58 15.51
CA ALA A 308 8.55 8.88 15.64
C ALA A 308 7.72 8.93 16.92
N VAL A 309 6.93 7.88 17.14
CA VAL A 309 6.13 7.79 18.38
C VAL A 309 7.05 7.82 19.61
N ALA A 310 8.19 7.11 19.56
CA ALA A 310 9.13 7.16 20.68
C ALA A 310 9.65 8.56 20.95
N MET A 311 9.94 9.31 19.90
CA MET A 311 10.42 10.68 20.04
C MET A 311 9.37 11.55 20.70
N PHE A 312 8.12 11.45 20.25
CA PHE A 312 7.08 12.26 20.84
C PHE A 312 6.78 11.84 22.31
N HIS A 313 6.79 10.55 22.57
CA HIS A 313 6.62 10.06 23.94
C HIS A 313 7.75 10.58 24.83
N THR A 314 8.97 10.63 24.32
CA THR A 314 10.12 11.02 25.12
C THR A 314 10.22 12.52 25.30
N HIS A 315 10.01 13.25 24.21
CA HIS A 315 10.29 14.68 24.19
C HIS A 315 9.06 15.56 24.17
N GLY A 316 7.89 14.96 24.02
CA GLY A 316 6.67 15.74 23.99
C GLY A 316 6.31 16.27 22.62
N THR A 317 5.14 16.89 22.52
CA THR A 317 4.64 17.34 21.22
C THR A 317 4.96 18.80 20.91
N ASP A 318 5.76 19.45 21.76
CA ASP A 318 6.16 20.84 21.53
C ASP A 318 7.63 20.87 21.11
N LEU A 319 7.87 20.98 19.81
CA LEU A 319 9.23 20.85 19.27
C LEU A 319 10.18 21.91 19.83
N SER A 320 9.65 23.10 20.11
CA SER A 320 10.48 24.20 20.61
C SER A 320 11.13 23.85 21.96
N ALA A 321 10.52 22.91 22.69
CA ALA A 321 11.05 22.52 24.00
C ALA A 321 11.96 21.30 23.93
N TRP A 322 12.11 20.69 22.76
CA TRP A 322 12.99 19.52 22.65
C TRP A 322 14.42 19.90 23.03
N PRO A 323 15.19 18.94 23.55
CA PRO A 323 16.55 19.23 24.00
C PRO A 323 17.37 19.81 22.87
N ALA A 324 18.15 20.85 23.18
CA ALA A 324 18.92 21.56 22.17
C ALA A 324 19.77 20.63 21.30
N LYS A 325 20.39 19.64 21.93
CA LYS A 325 21.27 18.74 21.18
C LYS A 325 20.47 17.88 20.22
N VAL A 326 19.24 17.55 20.59
CA VAL A 326 18.37 16.73 19.73
C VAL A 326 17.84 17.56 18.56
N ARG A 327 17.43 18.78 18.86
CA ARG A 327 17.05 19.71 17.80
C ARG A 327 18.19 19.91 16.80
N ASP A 328 19.42 20.03 17.29
CA ASP A 328 20.58 20.22 16.43
C ASP A 328 20.85 19.00 15.55
N ILE A 329 20.83 17.82 16.18
CA ILE A 329 21.00 16.55 15.50
C ILE A 329 19.98 16.40 14.36
N LEU A 330 18.74 16.83 14.61
CA LEU A 330 17.66 16.68 13.64
C LEU A 330 17.63 17.81 12.62
N GLY A 331 18.41 18.86 12.83
CA GLY A 331 18.35 20.02 11.95
C GLY A 331 17.12 20.90 12.12
N LEU A 332 16.59 20.98 13.34
CA LEU A 332 15.43 21.84 13.61
C LEU A 332 15.86 23.30 13.81
N ALA B 37 7.38 1.01 -31.06
CA ALA B 37 7.56 0.74 -29.63
C ALA B 37 7.38 2.01 -28.80
N ASP B 38 6.89 1.84 -27.57
CA ASP B 38 6.64 2.94 -26.65
C ASP B 38 7.88 3.82 -26.46
N PRO B 39 7.73 5.14 -26.69
CA PRO B 39 8.82 6.11 -26.52
C PRO B 39 9.35 6.14 -25.09
N LEU B 40 8.52 5.71 -24.15
CA LEU B 40 8.88 5.73 -22.74
C LEU B 40 9.76 4.55 -22.33
N ASP B 41 9.60 3.42 -23.03
CA ASP B 41 10.24 2.16 -22.61
C ASP B 41 11.71 2.29 -22.27
N HIS B 42 12.42 3.11 -23.05
CA HIS B 42 13.86 3.23 -22.85
C HIS B 42 14.21 3.95 -21.54
N LEU B 43 13.24 4.62 -20.93
CA LEU B 43 13.48 5.30 -19.65
C LEU B 43 13.70 4.31 -18.53
N ALA B 44 13.13 3.11 -18.67
CA ALA B 44 13.08 2.14 -17.58
C ALA B 44 14.43 1.85 -16.96
N ASP B 45 15.46 1.78 -17.81
CA ASP B 45 16.79 1.41 -17.37
CA ASP B 45 16.82 1.45 -17.41
C ASP B 45 17.35 2.31 -16.28
N LYS B 46 17.11 3.61 -16.37
CA LYS B 46 17.66 4.56 -15.40
C LYS B 46 16.73 4.81 -14.23
N LEU B 47 15.44 4.51 -14.41
CA LEU B 47 14.42 4.92 -13.46
C LEU B 47 13.89 3.80 -12.55
N PHE B 48 13.87 2.57 -13.06
CA PHE B 48 13.14 1.50 -12.39
C PHE B 48 13.88 0.16 -12.36
N HIS B 49 13.51 -0.69 -11.42
CA HIS B 49 13.90 -2.09 -11.49
C HIS B 49 12.65 -2.94 -11.42
N SER B 50 12.68 -4.08 -12.10
CA SER B 50 11.54 -4.97 -12.11
C SER B 50 11.28 -5.56 -10.73
N MET B 51 10.00 -5.66 -10.39
CA MET B 51 9.59 -6.38 -9.19
C MET B 51 8.73 -7.57 -9.54
N GLY B 52 8.83 -8.02 -10.78
CA GLY B 52 8.13 -9.20 -11.24
C GLY B 52 6.64 -8.98 -11.41
N SER B 53 6.21 -7.76 -11.68
CA SER B 53 4.78 -7.48 -11.82
C SER B 53 4.53 -6.20 -12.62
N ASP B 54 3.73 -6.29 -13.69
CA ASP B 54 3.50 -5.14 -14.54
C ASP B 54 2.91 -3.98 -13.73
N GLY B 55 3.49 -2.79 -13.85
CA GLY B 55 2.91 -1.63 -13.20
C GLY B 55 3.35 -1.46 -11.74
N VAL B 56 4.28 -2.31 -11.30
CA VAL B 56 4.81 -2.24 -9.94
C VAL B 56 6.34 -2.32 -10.03
N TYR B 57 7.02 -1.21 -9.74
CA TYR B 57 8.46 -1.13 -9.97
C TYR B 57 9.18 -0.59 -8.75
N ALA B 58 10.42 -1.04 -8.57
CA ALA B 58 11.34 -0.41 -7.63
C ALA B 58 11.86 0.89 -8.26
N ARG B 59 12.04 1.92 -7.45
CA ARG B 59 12.41 3.25 -7.91
CA ARG B 59 12.42 3.20 -7.96
C ARG B 59 13.87 3.51 -7.59
N THR B 60 14.65 3.94 -8.58
CA THR B 60 16.08 4.24 -8.38
C THR B 60 16.25 5.56 -7.68
N ALA B 61 17.49 5.83 -7.23
CA ALA B 61 17.78 7.09 -6.55
C ALA B 61 17.54 8.29 -7.47
N LEU B 62 17.89 8.13 -8.75
CA LEU B 62 17.69 9.19 -9.72
C LEU B 62 16.21 9.57 -9.81
N TYR B 63 15.38 8.57 -10.02
CA TYR B 63 13.94 8.79 -10.15
C TYR B 63 13.33 9.42 -8.90
N GLU B 64 13.65 8.87 -7.74
CA GLU B 64 13.13 9.37 -6.46
CA GLU B 64 13.08 9.40 -6.50
C GLU B 64 13.54 10.80 -6.17
N SER B 65 14.75 11.16 -6.58
CA SER B 65 15.23 12.52 -6.34
C SER B 65 14.32 13.52 -7.06
N ILE B 66 13.87 13.17 -8.25
CA ILE B 66 12.97 14.03 -9.01
C ILE B 66 11.52 14.03 -8.48
N VAL B 67 11.03 12.88 -8.05
CA VAL B 67 9.71 12.82 -7.39
C VAL B 67 9.71 13.73 -6.17
N GLU B 68 10.78 13.68 -5.39
CA GLU B 68 10.91 14.50 -4.19
C GLU B 68 10.99 15.99 -4.49
N ARG B 69 11.73 16.38 -5.54
CA ARG B 69 11.80 17.79 -5.90
CA ARG B 69 11.81 17.79 -5.96
C ARG B 69 10.45 18.28 -6.43
N LEU B 70 9.74 17.42 -7.16
CA LEU B 70 8.41 17.79 -7.63
C LEU B 70 7.44 17.98 -6.46
N ALA B 71 7.52 17.10 -5.48
CA ALA B 71 6.66 17.24 -4.30
C ALA B 71 6.97 18.54 -3.56
N ALA B 72 8.26 18.86 -3.42
CA ALA B 72 8.65 20.10 -2.74
C ALA B 72 8.18 21.31 -3.52
N LEU B 73 8.20 21.22 -4.84
CA LEU B 73 7.72 22.34 -5.67
C LEU B 73 6.22 22.55 -5.46
N ILE B 74 5.46 21.45 -5.45
CA ILE B 74 4.03 21.53 -5.23
C ILE B 74 3.71 22.09 -3.84
N THR B 75 4.47 21.64 -2.84
CA THR B 75 4.35 22.19 -1.49
C THR B 75 4.60 23.71 -1.42
N SER B 76 5.61 24.18 -2.16
CA SER B 76 5.91 25.62 -2.20
C SER B 76 4.75 26.46 -2.74
N HIS B 77 3.86 25.85 -3.52
CA HIS B 77 2.66 26.57 -4.02
C HIS B 77 1.40 26.39 -3.17
N ARG B 78 1.53 25.75 -2.01
CA ARG B 78 0.39 25.53 -1.13
C ARG B 78 -0.24 26.83 -0.66
N GLU B 79 -1.57 26.93 -0.72
CA GLU B 79 -2.23 28.12 -0.19
C GLU B 79 -2.19 28.19 1.33
N ALA B 80 -2.16 29.41 1.85
CA ALA B 80 -2.21 29.62 3.30
C ALA B 80 -3.50 29.01 3.86
N GLY B 81 -3.44 28.52 5.10
CA GLY B 81 -4.63 27.98 5.73
C GLY B 81 -5.03 26.59 5.24
N THR B 82 -4.06 25.85 4.69
CA THR B 82 -4.32 24.50 4.17
C THR B 82 -3.75 23.46 5.13
N GLU B 83 -4.60 22.54 5.59
CA GLU B 83 -4.16 21.53 6.55
C GLU B 83 -3.58 20.29 5.85
N ALA B 84 -2.35 19.91 6.20
CA ALA B 84 -1.68 18.80 5.53
C ALA B 84 -1.86 17.48 6.29
N LEU B 85 -2.38 16.46 5.60
CA LEU B 85 -2.51 15.12 6.19
C LEU B 85 -1.83 14.14 5.27
N ARG B 86 -1.22 13.09 5.84
CA ARG B 86 -0.66 12.03 5.03
C ARG B 86 -1.35 10.73 5.40
N PHE B 87 -1.81 9.99 4.38
CA PHE B 87 -2.56 8.77 4.61
C PHE B 87 -1.69 7.57 4.23
N PRO B 88 -1.90 6.43 4.91
CA PRO B 88 -1.23 5.17 4.54
C PRO B 88 -1.83 4.60 3.24
N PRO B 89 -1.25 3.51 2.72
CA PRO B 89 -1.74 2.99 1.43
C PRO B 89 -3.03 2.17 1.54
N VAL B 90 -3.53 2.04 2.76
CA VAL B 90 -4.80 1.36 2.99
C VAL B 90 -5.78 2.27 3.69
N MET B 91 -7.08 1.99 3.52
CA MET B 91 -8.10 2.73 4.23
C MET B 91 -9.25 1.77 4.54
N SER B 92 -10.22 2.26 5.32
CA SER B 92 -11.38 1.48 5.70
C SER B 92 -12.23 1.02 4.51
N ARG B 93 -12.49 -0.28 4.44
CA ARG B 93 -13.37 -0.79 3.40
C ARG B 93 -14.78 -0.22 3.56
N ALA B 94 -15.26 -0.14 4.80
CA ALA B 94 -16.57 0.46 5.05
C ALA B 94 -16.67 1.91 4.56
N GLN B 95 -15.60 2.69 4.77
CA GLN B 95 -15.61 4.07 4.29
C GLN B 95 -15.65 4.12 2.78
N LEU B 96 -14.87 3.26 2.13
CA LEU B 96 -14.83 3.25 0.69
C LEU B 96 -16.16 2.78 0.09
N GLU B 97 -16.79 1.79 0.72
CA GLU B 97 -18.14 1.36 0.32
C GLU B 97 -19.13 2.50 0.41
N LYS B 98 -19.09 3.21 1.53
CA LYS B 98 -20.00 4.33 1.77
C LYS B 98 -19.81 5.45 0.75
N SER B 99 -18.58 5.62 0.27
CA SER B 99 -18.29 6.70 -0.66
CA SER B 99 -18.23 6.68 -0.68
C SER B 99 -18.76 6.41 -2.08
N GLY B 100 -19.19 5.18 -2.32
CA GLY B 100 -19.77 4.81 -3.60
C GLY B 100 -18.78 4.29 -4.61
N TYR B 101 -17.56 3.98 -4.16
CA TYR B 101 -16.52 3.54 -5.09
C TYR B 101 -16.92 2.24 -5.80
N LEU B 102 -17.62 1.36 -5.09
CA LEU B 102 -18.07 0.08 -5.66
C LEU B 102 -19.02 0.24 -6.83
N LYS B 103 -19.95 1.19 -6.72
CA LYS B 103 -20.86 1.41 -7.83
C LYS B 103 -20.08 1.91 -9.05
N SER B 104 -19.07 2.74 -8.81
CA SER B 104 -18.43 3.46 -9.92
C SER B 104 -17.22 2.78 -10.55
N PHE B 105 -16.33 2.22 -9.72
CA PHE B 105 -15.12 1.63 -10.25
C PHE B 105 -14.80 0.27 -9.64
N PRO B 106 -15.79 -0.63 -9.58
CA PRO B 106 -15.56 -1.92 -8.90
C PRO B 106 -14.40 -2.70 -9.50
N ASN B 107 -14.16 -2.53 -10.79
CA ASN B 107 -13.08 -3.24 -11.47
C ASN B 107 -11.67 -2.80 -11.09
N LEU B 108 -11.53 -1.65 -10.42
CA LEU B 108 -10.21 -1.09 -10.16
C LEU B 108 -9.78 -1.30 -8.72
N LEU B 109 -10.73 -1.68 -7.89
CA LEU B 109 -10.50 -1.75 -6.44
C LEU B 109 -9.57 -2.91 -6.03
N GLY B 110 -8.64 -2.63 -5.12
CA GLY B 110 -7.85 -3.70 -4.50
C GLY B 110 -8.30 -3.87 -3.06
N CYS B 111 -8.76 -5.06 -2.68
CA CYS B 111 -9.19 -5.29 -1.30
CA CYS B 111 -9.16 -5.27 -1.30
C CYS B 111 -8.09 -6.05 -0.56
N VAL B 112 -7.99 -5.84 0.74
CA VAL B 112 -7.03 -6.58 1.52
C VAL B 112 -7.72 -7.83 2.04
N CYS B 113 -7.12 -8.98 1.79
CA CYS B 113 -7.61 -10.24 2.37
CA CYS B 113 -7.61 -10.21 2.40
C CYS B 113 -6.49 -10.89 3.16
N GLY B 114 -6.84 -11.72 4.13
CA GLY B 114 -5.83 -12.40 4.92
C GLY B 114 -6.25 -13.81 5.28
N LEU B 115 -5.34 -14.52 5.94
CA LEU B 115 -5.65 -15.85 6.45
C LEU B 115 -6.16 -15.67 7.87
N HIS B 116 -7.48 -15.68 8.02
CA HIS B 116 -8.11 -15.36 9.30
C HIS B 116 -8.59 -16.60 10.06
N GLY B 117 -8.25 -17.79 9.56
CA GLY B 117 -8.75 -19.02 10.17
C GLY B 117 -7.98 -19.50 11.39
N THR B 118 -8.25 -20.75 11.80
CA THR B 118 -7.54 -21.35 12.92
C THR B 118 -6.13 -21.76 12.52
N GLU B 119 -5.31 -22.09 13.51
CA GLU B 119 -3.95 -22.54 13.23
C GLU B 119 -3.95 -23.77 12.31
N ARG B 120 -4.86 -24.70 12.57
CA ARG B 120 -5.00 -25.90 11.74
C ARG B 120 -5.35 -25.56 10.28
N GLU B 121 -6.32 -24.67 10.11
CA GLU B 121 -6.73 -24.24 8.78
C GLU B 121 -5.60 -23.54 8.02
N ILE B 122 -4.88 -22.67 8.71
CA ILE B 122 -3.76 -21.99 8.07
C ILE B 122 -2.65 -22.95 7.69
N ASN B 123 -2.29 -23.85 8.59
CA ASN B 123 -1.28 -24.86 8.31
C ASN B 123 -1.66 -25.72 7.09
N ALA B 124 -2.94 -26.06 6.98
CA ALA B 124 -3.38 -26.83 5.82
C ALA B 124 -3.23 -26.04 4.51
N ALA B 125 -3.58 -24.75 4.53
CA ALA B 125 -3.46 -23.92 3.33
C ALA B 125 -2.02 -23.90 2.89
N VAL B 126 -1.11 -23.72 3.84
CA VAL B 126 0.31 -23.74 3.54
C VAL B 126 0.75 -25.10 2.98
N SER B 127 0.23 -26.16 3.57
CA SER B 127 0.53 -27.50 3.08
C SER B 127 0.00 -27.73 1.67
N ARG B 128 -1.14 -27.15 1.32
CA ARG B 128 -1.64 -27.30 -0.05
C ARG B 128 -0.71 -26.64 -1.05
N PHE B 129 -0.21 -25.46 -0.68
CA PHE B 129 0.78 -24.78 -1.49
C PHE B 129 2.06 -25.63 -1.69
N ASP B 130 2.52 -26.27 -0.62
CA ASP B 130 3.68 -27.16 -0.70
C ASP B 130 3.42 -28.31 -1.67
N ALA B 131 2.15 -28.69 -1.81
CA ALA B 131 1.77 -29.83 -2.63
C ALA B 131 1.20 -29.45 -4.01
N GLY B 132 1.54 -28.26 -4.47
CA GLY B 132 1.21 -27.83 -5.82
C GLY B 132 -0.17 -27.19 -5.97
N GLY B 133 -0.85 -26.97 -4.86
CA GLY B 133 -2.19 -26.39 -4.86
C GLY B 133 -2.17 -24.90 -4.53
N ASP B 134 -3.35 -24.36 -4.20
CA ASP B 134 -3.55 -22.92 -4.03
C ASP B 134 -3.87 -22.62 -2.57
N TRP B 135 -2.95 -21.99 -1.85
CA TRP B 135 -3.22 -21.60 -0.45
C TRP B 135 -4.25 -20.48 -0.32
N THR B 136 -4.46 -19.73 -1.40
CA THR B 136 -5.32 -18.54 -1.33
C THR B 136 -6.81 -18.83 -1.17
N THR B 137 -7.19 -20.09 -1.34
CA THR B 137 -8.58 -20.47 -1.08
C THR B 137 -8.95 -20.28 0.40
N SER B 138 -7.95 -20.17 1.27
CA SER B 138 -8.23 -19.91 2.68
C SER B 138 -8.27 -18.42 3.05
N LEU B 139 -8.14 -17.53 2.06
CA LEU B 139 -8.24 -16.09 2.34
C LEU B 139 -9.66 -15.66 2.60
N SER B 140 -9.83 -14.63 3.42
CA SER B 140 -11.11 -13.95 3.61
C SER B 140 -10.84 -12.45 3.71
N PRO B 141 -11.85 -11.63 3.41
CA PRO B 141 -11.64 -10.18 3.35
C PRO B 141 -11.35 -9.59 4.70
N ALA B 142 -10.42 -8.65 4.74
CA ALA B 142 -10.22 -7.84 5.93
C ALA B 142 -11.15 -6.63 5.85
N ASP B 143 -11.05 -5.72 6.81
CA ASP B 143 -11.86 -4.51 6.82
C ASP B 143 -11.13 -3.34 6.14
N LEU B 144 -10.13 -3.67 5.32
CA LEU B 144 -9.33 -2.66 4.64
C LEU B 144 -9.33 -2.86 3.13
N VAL B 145 -9.18 -1.76 2.40
CA VAL B 145 -8.88 -1.82 0.98
C VAL B 145 -7.62 -0.97 0.72
N LEU B 146 -6.98 -1.18 -0.41
CA LEU B 146 -5.90 -0.28 -0.81
CA LEU B 146 -5.90 -0.29 -0.85
C LEU B 146 -6.54 1.00 -1.33
N SER B 147 -5.99 2.14 -0.93
CA SER B 147 -6.63 3.40 -1.27
CA SER B 147 -6.60 3.43 -1.27
C SER B 147 -6.58 3.68 -2.78
N PRO B 148 -7.75 3.99 -3.37
CA PRO B 148 -7.73 4.26 -4.83
C PRO B 148 -7.47 5.74 -5.18
N ALA B 149 -7.60 6.63 -4.22
CA ALA B 149 -7.34 8.06 -4.44
C ALA B 149 -7.05 8.66 -3.08
N ALA B 150 -6.20 9.67 -3.04
CA ALA B 150 -5.73 10.17 -1.77
C ALA B 150 -6.80 10.91 -0.99
N CYS B 151 -7.82 11.45 -1.66
CA CYS B 151 -8.77 12.30 -0.95
C CYS B 151 -9.82 11.56 -0.10
N TYR B 152 -10.11 10.30 -0.41
CA TYR B 152 -11.27 9.64 0.23
C TYR B 152 -11.32 9.73 1.75
N PRO B 153 -10.19 9.48 2.43
CA PRO B 153 -10.28 9.49 3.89
C PRO B 153 -10.49 10.88 4.48
N VAL B 154 -10.31 11.94 3.71
CA VAL B 154 -10.41 13.28 4.29
C VAL B 154 -11.87 13.69 4.62
N TYR B 155 -12.82 13.17 3.85
CA TYR B 155 -14.23 13.58 4.01
C TYR B 155 -14.86 13.21 5.36
N PRO B 156 -14.68 11.95 5.81
CA PRO B 156 -15.15 11.66 7.18
C PRO B 156 -14.40 12.47 8.24
N ILE B 157 -13.12 12.73 8.02
CA ILE B 157 -12.37 13.52 8.98
C ILE B 157 -12.94 14.93 9.09
N ALA B 158 -13.21 15.54 7.94
CA ALA B 158 -13.79 16.88 7.93
C ALA B 158 -15.17 16.86 8.59
N ALA B 159 -15.98 15.86 8.26
CA ALA B 159 -17.33 15.74 8.78
C ALA B 159 -17.35 15.69 10.31
N SER B 160 -16.35 15.04 10.89
CA SER B 160 -16.32 14.84 12.33
C SER B 160 -16.13 16.13 13.11
N ARG B 161 -15.84 17.24 12.41
CA ARG B 161 -15.56 18.50 13.09
C ARG B 161 -16.76 19.44 13.22
N GLY B 162 -17.91 19.04 12.70
CA GLY B 162 -19.09 19.89 12.76
C GLY B 162 -19.22 20.74 11.52
N PRO B 163 -20.04 21.80 11.59
CA PRO B 163 -20.26 22.62 10.40
C PRO B 163 -18.96 23.29 9.95
N LEU B 164 -18.82 23.53 8.66
CA LEU B 164 -17.63 24.19 8.14
C LEU B 164 -17.61 25.67 8.52
N PRO B 165 -16.42 26.24 8.69
CA PRO B 165 -16.32 27.69 8.90
C PRO B 165 -16.61 28.40 7.58
N LYS B 166 -16.88 29.69 7.64
CA LYS B 166 -17.03 30.49 6.44
C LYS B 166 -15.74 30.41 5.63
N GLY B 167 -15.87 30.18 4.32
CA GLY B 167 -14.71 30.01 3.45
C GLY B 167 -14.35 28.54 3.27
N GLY B 168 -14.92 27.67 4.10
CA GLY B 168 -14.71 26.24 4.00
C GLY B 168 -13.36 25.76 4.51
N LEU B 169 -12.99 24.53 4.17
CA LEU B 169 -11.75 23.93 4.66
C LEU B 169 -10.92 23.51 3.46
N ARG B 170 -9.60 23.61 3.59
CA ARG B 170 -8.71 23.15 2.53
C ARG B 170 -7.69 22.20 3.14
N PHE B 171 -7.39 21.14 2.40
CA PHE B 171 -6.48 20.09 2.87
C PHE B 171 -5.46 19.83 1.79
N ASP B 172 -4.28 19.43 2.23
CA ASP B 172 -3.19 18.98 1.40
C ASP B 172 -3.02 17.53 1.80
N VAL B 173 -3.35 16.62 0.90
CA VAL B 173 -3.27 15.18 1.20
C VAL B 173 -2.39 14.43 0.25
N ALA B 174 -1.85 13.30 0.71
CA ALA B 174 -1.07 12.43 -0.16
C ALA B 174 -1.23 11.00 0.30
N ALA B 175 -1.14 10.07 -0.65
CA ALA B 175 -1.10 8.66 -0.34
C ALA B 175 -0.51 7.88 -1.53
N ASP B 176 0.01 6.70 -1.25
CA ASP B 176 0.28 5.74 -2.31
C ASP B 176 -1.04 5.09 -2.64
N CYS B 177 -1.46 5.21 -3.89
CA CYS B 177 -2.75 4.70 -4.33
C CYS B 177 -2.60 3.45 -5.18
N PHE B 178 -3.70 2.75 -5.37
CA PHE B 178 -3.67 1.48 -6.10
C PHE B 178 -4.85 1.45 -7.04
N ARG B 179 -4.62 1.03 -8.27
CA ARG B 179 -5.73 0.74 -9.16
C ARG B 179 -5.35 -0.50 -9.91
N ARG B 180 -6.29 -1.44 -9.96
N ARG B 180 -6.30 -1.43 -10.01
CA ARG B 180 -6.02 -2.71 -10.61
CA ARG B 180 -6.04 -2.74 -10.58
C ARG B 180 -6.13 -2.52 -12.10
C ARG B 180 -6.07 -2.64 -12.11
N GLU B 181 -5.05 -2.03 -12.70
CA GLU B 181 -4.94 -1.91 -14.16
C GLU B 181 -3.52 -2.22 -14.61
N PRO B 182 -3.17 -3.51 -14.66
CA PRO B 182 -1.83 -3.93 -15.05
C PRO B 182 -1.53 -3.49 -16.48
N SER B 183 -0.36 -2.92 -16.68
CA SER B 183 0.05 -2.47 -17.99
C SER B 183 1.56 -2.50 -18.04
N LYS B 184 2.12 -2.60 -19.23
CA LYS B 184 3.57 -2.53 -19.37
C LYS B 184 4.04 -1.10 -19.63
N HIS B 185 3.09 -0.19 -19.82
CA HIS B 185 3.43 1.20 -20.10
C HIS B 185 3.84 1.93 -18.81
N LEU B 186 4.95 2.66 -18.86
CA LEU B 186 5.49 3.33 -17.68
C LEU B 186 4.61 4.44 -17.16
N ASP B 187 3.66 4.90 -17.96
CA ASP B 187 2.74 5.93 -17.49
C ASP B 187 1.42 5.34 -17.00
N ARG B 188 1.36 4.02 -16.88
CA ARG B 188 0.16 3.38 -16.34
C ARG B 188 0.52 2.33 -15.31
N LEU B 189 0.55 2.75 -14.04
CA LEU B 189 1.08 1.93 -12.96
C LEU B 189 -0.07 1.37 -12.16
N GLN B 190 0.17 0.29 -11.43
CA GLN B 190 -0.84 -0.17 -10.50
C GLN B 190 -0.68 0.48 -9.13
N SER B 191 0.55 0.76 -8.74
CA SER B 191 0.80 1.42 -7.45
C SER B 191 1.51 2.72 -7.74
N PHE B 192 0.95 3.84 -7.28
CA PHE B 192 1.47 5.16 -7.69
C PHE B 192 1.13 6.19 -6.62
N ARG B 193 1.94 7.22 -6.55
CA ARG B 193 1.75 8.25 -5.56
C ARG B 193 0.89 9.40 -6.06
N MET B 194 -0.08 9.78 -5.24
CA MET B 194 -0.97 10.87 -5.60
CA MET B 194 -0.99 10.86 -5.55
C MET B 194 -0.85 11.96 -4.53
N ARG B 195 -0.86 13.20 -4.97
CA ARG B 195 -0.79 14.36 -4.09
C ARG B 195 -2.02 15.16 -4.46
N GLU B 196 -2.81 15.60 -3.48
CA GLU B 196 -3.99 16.40 -3.80
C GLU B 196 -4.19 17.59 -2.89
N TYR B 197 -4.76 18.66 -3.46
CA TYR B 197 -5.33 19.71 -2.62
C TYR B 197 -6.83 19.58 -2.72
N VAL B 198 -7.51 19.66 -1.58
CA VAL B 198 -8.94 19.38 -1.51
C VAL B 198 -9.63 20.58 -0.90
N CYS B 199 -10.77 20.97 -1.47
CA CYS B 199 -11.54 22.08 -0.92
C CYS B 199 -12.93 21.56 -0.57
N ILE B 200 -13.42 21.93 0.62
CA ILE B 200 -14.73 21.54 1.07
C ILE B 200 -15.41 22.83 1.51
N GLY B 201 -16.56 23.15 0.90
CA GLY B 201 -17.22 24.41 1.24
C GLY B 201 -18.48 24.66 0.41
N THR B 202 -18.85 25.93 0.26
CA THR B 202 -19.96 26.27 -0.62
C THR B 202 -19.57 26.02 -2.08
N PRO B 203 -20.56 25.98 -2.99
CA PRO B 203 -20.24 25.85 -4.41
C PRO B 203 -19.27 26.94 -4.89
N ASP B 204 -19.46 28.18 -4.42
CA ASP B 204 -18.53 29.24 -4.80
C ASP B 204 -17.11 29.04 -4.26
N ASP B 205 -16.98 28.59 -3.02
CA ASP B 205 -15.68 28.32 -2.41
C ASP B 205 -14.94 27.34 -3.31
N VAL B 206 -15.65 26.28 -3.69
CA VAL B 206 -15.03 25.16 -4.40
C VAL B 206 -14.72 25.50 -5.85
N SER B 207 -15.66 26.16 -6.52
CA SER B 207 -15.40 26.51 -7.92
C SER B 207 -14.27 27.53 -8.04
N ASP B 208 -14.21 28.52 -7.14
CA ASP B 208 -13.08 29.44 -7.22
C ASP B 208 -11.77 28.72 -6.95
N PHE B 209 -11.79 27.80 -5.97
CA PHE B 209 -10.58 26.99 -5.65
C PHE B 209 -10.11 26.24 -6.90
N ARG B 210 -11.03 25.61 -7.60
CA ARG B 210 -10.60 24.83 -8.76
C ARG B 210 -10.04 25.74 -9.85
N GLU B 211 -10.64 26.91 -10.05
CA GLU B 211 -10.10 27.85 -11.04
CA GLU B 211 -10.12 27.88 -11.03
C GLU B 211 -8.72 28.37 -10.65
N ARG B 212 -8.51 28.69 -9.37
CA ARG B 212 -7.18 29.16 -8.94
C ARG B 212 -6.13 28.12 -9.27
N TRP B 213 -6.46 26.85 -9.00
CA TRP B 213 -5.50 25.77 -9.20
C TRP B 213 -5.27 25.40 -10.65
N MET B 214 -6.30 25.55 -11.48
CA MET B 214 -6.12 25.24 -12.90
C MET B 214 -5.14 26.19 -13.54
N VAL B 215 -5.20 27.45 -13.14
CA VAL B 215 -4.26 28.43 -13.65
C VAL B 215 -2.87 28.21 -13.06
N ARG B 216 -2.83 28.00 -11.75
CA ARG B 216 -1.56 27.84 -11.04
C ARG B 216 -0.80 26.60 -11.54
N ALA B 217 -1.53 25.51 -11.77
CA ALA B 217 -0.89 24.28 -12.22
C ALA B 217 -0.32 24.38 -13.63
N GLN B 218 -1.01 25.11 -14.51
CA GLN B 218 -0.47 25.33 -15.84
C GLN B 218 0.79 26.17 -15.78
N ALA B 219 0.82 27.14 -14.88
CA ALA B 219 2.03 27.96 -14.73
C ALA B 219 3.18 27.10 -14.24
N ILE B 220 2.89 26.16 -13.32
CA ILE B 220 3.92 25.25 -12.84
C ILE B 220 4.41 24.36 -14.00
N ALA B 221 3.48 23.78 -14.74
CA ALA B 221 3.85 22.95 -15.88
C ALA B 221 4.73 23.70 -16.89
N ARG B 222 4.43 24.97 -17.15
CA ARG B 222 5.26 25.79 -18.03
CA ARG B 222 5.26 25.77 -18.04
C ARG B 222 6.65 26.01 -17.45
N ASP B 223 6.73 26.28 -16.15
CA ASP B 223 8.03 26.47 -15.49
C ASP B 223 8.88 25.21 -15.57
N LEU B 224 8.24 24.05 -15.65
CA LEU B 224 8.95 22.78 -15.67
C LEU B 224 9.32 22.41 -17.10
N GLY B 225 8.97 23.30 -18.02
CA GLY B 225 9.26 23.09 -19.43
C GLY B 225 8.44 22.00 -20.08
N LEU B 226 7.25 21.72 -19.55
CA LEU B 226 6.42 20.65 -20.11
C LEU B 226 5.51 21.15 -21.21
N THR B 227 5.22 20.28 -22.18
CA THR B 227 4.25 20.58 -23.22
C THR B 227 2.94 19.94 -22.81
N PHE B 228 1.84 20.70 -22.90
CA PHE B 228 0.57 20.18 -22.43
C PHE B 228 -0.58 20.94 -23.03
N ARG B 229 -1.77 20.37 -22.88
CA ARG B 229 -3.00 21.12 -23.04
C ARG B 229 -3.93 20.71 -21.90
N VAL B 230 -4.90 21.56 -21.60
CA VAL B 230 -5.91 21.23 -20.62
C VAL B 230 -7.22 21.00 -21.36
N ASP B 231 -7.88 19.88 -21.06
CA ASP B 231 -9.14 19.56 -21.73
C ASP B 231 -10.12 18.93 -20.74
N TYR B 232 -11.41 18.96 -21.09
CA TYR B 232 -12.44 18.29 -20.31
C TYR B 232 -12.16 16.81 -20.38
N ALA B 233 -12.70 16.07 -19.44
CA ALA B 233 -12.48 14.64 -19.39
C ALA B 233 -13.51 14.01 -18.49
N SER B 234 -13.38 12.71 -18.28
CA SER B 234 -14.28 12.00 -17.40
C SER B 234 -13.54 10.83 -16.77
N ASP B 235 -13.99 10.42 -15.58
CA ASP B 235 -13.42 9.25 -14.91
C ASP B 235 -13.86 7.98 -15.65
N PRO B 236 -13.13 6.87 -15.48
CA PRO B 236 -13.47 5.64 -16.20
C PRO B 236 -14.54 4.83 -15.48
N PHE B 237 -15.73 5.41 -15.36
CA PHE B 237 -16.84 4.72 -14.71
C PHE B 237 -17.08 3.39 -15.41
N PHE B 238 -17.47 2.38 -14.63
CA PHE B 238 -17.56 1.00 -15.13
C PHE B 238 -18.94 0.68 -15.70
N GLY B 239 -18.98 -0.14 -16.75
CA GLY B 239 -20.24 -0.67 -17.28
C GLY B 239 -21.09 0.31 -18.08
N ARG B 240 -22.29 -0.13 -18.48
CA ARG B 240 -23.22 0.73 -19.22
C ARG B 240 -23.65 1.93 -18.38
N ALA B 241 -23.98 1.65 -17.12
CA ALA B 241 -24.30 2.68 -16.15
C ALA B 241 -23.24 3.76 -16.12
N GLY B 242 -21.98 3.35 -16.26
CA GLY B 242 -20.86 4.26 -16.21
C GLY B 242 -20.71 5.16 -17.43
N LYS B 243 -21.23 4.72 -18.56
CA LYS B 243 -21.18 5.53 -19.77
C LYS B 243 -22.00 6.81 -19.59
N MET B 244 -23.11 6.70 -18.88
CA MET B 244 -23.96 7.85 -18.61
C MET B 244 -23.30 8.80 -17.62
N LEU B 245 -22.72 8.25 -16.57
CA LEU B 245 -21.98 9.06 -15.59
C LEU B 245 -20.84 9.82 -16.27
N ALA B 246 -20.11 9.13 -17.14
CA ALA B 246 -19.01 9.75 -17.87
C ALA B 246 -19.54 10.87 -18.78
N ASN B 247 -20.65 10.59 -19.48
CA ASN B 247 -21.27 11.62 -20.31
C ASN B 247 -21.66 12.84 -19.52
N ASN B 248 -22.34 12.65 -18.40
CA ASN B 248 -22.77 13.79 -17.60
C ASN B 248 -21.60 14.58 -17.05
N GLN B 249 -20.54 13.87 -16.68
CA GLN B 249 -19.37 14.50 -16.08
C GLN B 249 -18.70 15.41 -17.09
N ARG B 250 -18.57 14.90 -18.31
CA ARG B 250 -17.96 15.65 -19.38
C ARG B 250 -18.86 16.83 -19.72
N ASP B 251 -20.16 16.58 -19.82
CA ASP B 251 -21.14 17.63 -20.14
C ASP B 251 -21.16 18.75 -19.11
N GLN B 252 -21.03 18.39 -17.84
CA GLN B 252 -21.09 19.38 -16.77
C GLN B 252 -19.71 19.96 -16.43
N GLN B 253 -18.69 19.52 -17.16
CA GLN B 253 -17.32 20.01 -16.99
C GLN B 253 -16.82 19.81 -15.56
N LEU B 254 -17.13 18.64 -15.01
CA LEU B 254 -16.77 18.34 -13.64
C LEU B 254 -15.32 17.88 -13.52
N LYS B 255 -14.69 17.61 -14.67
CA LYS B 255 -13.31 17.15 -14.63
C LYS B 255 -12.46 17.69 -15.77
N PHE B 256 -11.43 18.46 -15.42
CA PHE B 256 -10.41 18.84 -16.39
C PHE B 256 -9.15 18.03 -16.14
N GLU B 257 -8.40 17.78 -17.20
CA GLU B 257 -7.09 17.14 -17.06
C GLU B 257 -6.00 17.96 -17.76
N LEU B 258 -4.82 17.96 -17.17
CA LEU B 258 -3.65 18.52 -17.84
C LEU B 258 -2.94 17.37 -18.56
N LEU B 259 -2.92 17.43 -19.89
CA LEU B 259 -2.51 16.27 -20.70
C LEU B 259 -1.16 16.51 -21.34
N ILE B 260 -0.25 15.56 -21.17
CA ILE B 260 1.12 15.66 -21.66
C ILE B 260 1.40 14.54 -22.66
N PRO B 261 1.90 14.90 -23.86
CA PRO B 261 2.28 13.87 -24.84
C PRO B 261 3.47 13.07 -24.30
N LEU B 262 3.26 11.78 -24.05
CA LEU B 262 4.33 10.91 -23.59
C LEU B 262 4.55 9.76 -24.58
N ARG B 263 3.51 8.95 -24.77
CA ARG B 263 3.52 7.86 -25.72
C ARG B 263 3.28 8.35 -27.14
N SER B 264 2.52 9.44 -27.26
CA SER B 264 2.22 10.07 -28.55
C SER B 264 1.50 11.38 -28.32
N GLU B 265 1.49 12.23 -29.35
CA GLU B 265 0.78 13.51 -29.27
C GLU B 265 -0.72 13.34 -29.50
N GLU B 266 -1.12 12.18 -30.01
CA GLU B 266 -2.52 11.91 -30.32
C GLU B 266 -3.25 11.31 -29.11
N GLN B 267 -2.49 10.62 -28.26
CA GLN B 267 -3.02 10.07 -27.02
C GLN B 267 -2.16 10.51 -25.83
N PRO B 268 -2.29 11.79 -25.44
CA PRO B 268 -1.45 12.31 -24.36
C PRO B 268 -1.89 11.74 -23.01
N THR B 269 -1.02 11.88 -22.00
CA THR B 269 -1.29 11.29 -20.69
C THR B 269 -1.74 12.37 -19.71
N ALA B 270 -2.82 12.10 -18.97
CA ALA B 270 -3.29 13.02 -17.94
C ALA B 270 -2.36 12.97 -16.72
N CYS B 271 -1.70 14.07 -16.40
CA CYS B 271 -0.75 14.05 -15.30
C CYS B 271 -1.27 14.85 -14.10
N MET B 272 -2.31 15.65 -14.32
CA MET B 272 -3.04 16.30 -13.24
C MET B 272 -4.50 16.30 -13.60
N SER B 273 -5.37 16.33 -12.58
CA SER B 273 -6.80 16.44 -12.80
C SER B 273 -7.41 17.50 -11.89
N PHE B 274 -8.50 18.13 -12.33
CA PHE B 274 -9.11 19.21 -11.59
C PHE B 274 -10.58 18.87 -11.50
N ASN B 275 -11.00 18.48 -10.30
CA ASN B 275 -12.25 17.74 -10.14
C ASN B 275 -13.26 18.47 -9.30
N TYR B 276 -14.49 18.52 -9.77
CA TYR B 276 -15.58 19.13 -9.01
C TYR B 276 -16.61 18.04 -8.72
N HIS B 277 -16.92 17.80 -7.45
CA HIS B 277 -17.81 16.69 -7.09
C HIS B 277 -19.24 17.14 -6.76
N ARG B 278 -19.50 18.43 -6.96
CA ARG B 278 -20.72 19.05 -6.46
CA ARG B 278 -20.74 19.03 -6.48
C ARG B 278 -20.96 18.62 -5.02
N GLU B 279 -22.18 18.24 -4.67
CA GLU B 279 -22.48 17.91 -3.28
C GLU B 279 -22.40 16.42 -2.97
N HIS B 280 -21.84 15.64 -3.88
CA HIS B 280 -21.80 14.19 -3.74
C HIS B 280 -21.20 13.71 -2.41
N PHE B 281 -19.96 14.12 -2.11
CA PHE B 281 -19.34 13.70 -0.85
C PHE B 281 -19.89 14.44 0.35
N GLY B 282 -20.28 15.68 0.16
CA GLY B 282 -20.86 16.46 1.25
C GLY B 282 -22.13 15.79 1.76
N THR B 283 -22.94 15.33 0.82
CA THR B 283 -24.18 14.61 1.15
C THR B 283 -23.89 13.24 1.78
N THR B 284 -22.98 12.50 1.17
CA THR B 284 -22.59 11.18 1.68
C THR B 284 -22.14 11.20 3.13
N TRP B 285 -21.29 12.17 3.47
CA TRP B 285 -20.71 12.23 4.80
C TRP B 285 -21.39 13.20 5.74
N GLY B 286 -22.45 13.86 5.27
CA GLY B 286 -23.19 14.76 6.12
C GLY B 286 -22.42 16.02 6.47
N ILE B 287 -21.63 16.53 5.52
CA ILE B 287 -20.88 17.75 5.77
C ILE B 287 -21.76 18.94 5.46
N GLN B 288 -21.84 19.88 6.40
CA GLN B 288 -22.65 21.09 6.24
C GLN B 288 -21.77 22.32 6.11
N ASP B 289 -22.04 23.15 5.10
CA ASP B 289 -21.27 24.39 4.96
C ASP B 289 -21.76 25.40 6.01
N ALA B 290 -21.17 26.60 5.99
CA ALA B 290 -21.49 27.63 6.99
C ALA B 290 -22.92 28.18 6.87
N ASN B 291 -23.59 27.87 5.76
CA ASN B 291 -24.98 28.27 5.56
C ASN B 291 -25.95 27.12 5.85
N GLY B 292 -25.44 26.02 6.38
CA GLY B 292 -26.27 24.86 6.70
C GLY B 292 -26.72 24.00 5.53
N GLU B 293 -26.08 24.15 4.37
CA GLU B 293 -26.41 23.34 3.20
CA GLU B 293 -26.42 23.34 3.22
C GLU B 293 -25.37 22.23 3.03
N PRO B 294 -25.76 21.13 2.37
CA PRO B 294 -24.76 20.07 2.13
C PRO B 294 -23.55 20.63 1.36
N ALA B 295 -22.37 20.43 1.92
CA ALA B 295 -21.17 21.03 1.35
C ALA B 295 -20.83 20.48 -0.02
N HIS B 296 -20.18 21.31 -0.82
CA HIS B 296 -19.61 20.85 -2.07
C HIS B 296 -18.14 20.55 -1.84
N THR B 297 -17.54 19.78 -2.71
CA THR B 297 -16.12 19.47 -2.59
C THR B 297 -15.50 19.42 -3.97
N GLY B 298 -14.19 19.61 -4.02
CA GLY B 298 -13.46 19.46 -5.25
C GLY B 298 -12.01 19.21 -4.90
N CYS B 299 -11.25 18.75 -5.89
CA CYS B 299 -9.84 18.52 -5.64
C CYS B 299 -8.96 18.74 -6.87
N VAL B 300 -7.71 19.08 -6.62
CA VAL B 300 -6.70 19.11 -7.68
C VAL B 300 -5.73 17.98 -7.40
N ALA B 301 -5.56 17.10 -8.36
CA ALA B 301 -4.76 15.89 -8.12
C ALA B 301 -3.52 15.91 -8.99
N PHE B 302 -2.36 15.63 -8.38
CA PHE B 302 -1.11 15.58 -9.12
C PHE B 302 -0.65 14.13 -9.13
N GLY B 303 -0.45 13.57 -10.31
CA GLY B 303 0.05 12.20 -10.40
C GLY B 303 1.57 12.25 -10.35
N MET B 304 2.14 11.96 -9.18
CA MET B 304 3.58 12.21 -8.97
C MET B 304 4.49 11.39 -9.87
N ASP B 305 4.11 10.13 -10.07
CA ASP B 305 4.91 9.24 -10.92
C ASP B 305 4.74 9.63 -12.39
N ARG B 306 3.53 10.02 -12.78
CA ARG B 306 3.32 10.50 -14.15
C ARG B 306 4.12 11.76 -14.44
N LEU B 307 4.11 12.70 -13.50
CA LEU B 307 4.87 13.93 -13.67
C LEU B 307 6.38 13.67 -13.73
N ALA B 308 6.86 12.77 -12.88
CA ALA B 308 8.28 12.45 -12.87
C ALA B 308 8.68 11.83 -14.22
N VAL B 309 7.92 10.83 -14.65
CA VAL B 309 8.14 10.24 -15.97
C VAL B 309 8.09 11.30 -17.09
N ALA B 310 7.12 12.20 -17.03
CA ALA B 310 7.05 13.32 -17.98
C ALA B 310 8.31 14.14 -18.00
N MET B 311 8.86 14.43 -16.82
CA MET B 311 10.07 15.24 -16.76
C MET B 311 11.23 14.51 -17.45
N PHE B 312 11.35 13.21 -17.17
CA PHE B 312 12.47 12.44 -17.76
C PHE B 312 12.28 12.27 -19.27
N HIS B 313 11.05 12.01 -19.69
CA HIS B 313 10.74 11.92 -21.12
C HIS B 313 11.07 13.22 -21.84
N THR B 314 10.72 14.33 -21.19
CA THR B 314 10.87 15.66 -21.79
C THR B 314 12.31 16.16 -21.80
N HIS B 315 13.05 15.93 -20.73
CA HIS B 315 14.37 16.52 -20.58
C HIS B 315 15.52 15.49 -20.55
N GLY B 316 15.18 14.20 -20.61
CA GLY B 316 16.20 13.15 -20.56
C GLY B 316 16.61 12.73 -19.16
N THR B 317 17.47 11.73 -19.08
CA THR B 317 17.85 11.15 -17.79
C THR B 317 19.15 11.68 -17.18
N ASP B 318 19.75 12.67 -17.82
CA ASP B 318 20.92 13.35 -17.25
C ASP B 318 20.52 14.73 -16.73
N LEU B 319 20.52 14.88 -15.40
CA LEU B 319 19.97 16.09 -14.78
C LEU B 319 20.82 17.33 -15.04
N SER B 320 22.13 17.15 -15.21
CA SER B 320 23.00 18.30 -15.45
C SER B 320 22.76 18.86 -16.85
N ALA B 321 22.11 18.06 -17.71
CA ALA B 321 21.75 18.51 -19.04
C ALA B 321 20.34 19.11 -19.11
N TRP B 322 19.66 19.22 -17.97
CA TRP B 322 18.34 19.85 -17.95
C TRP B 322 18.52 21.36 -18.10
N PRO B 323 17.53 22.05 -18.68
CA PRO B 323 17.63 23.51 -18.83
C PRO B 323 17.86 24.20 -17.48
N ALA B 324 18.69 25.23 -17.47
CA ALA B 324 19.05 25.93 -16.24
C ALA B 324 17.82 26.42 -15.49
N LYS B 325 16.84 26.95 -16.22
CA LYS B 325 15.63 27.48 -15.62
C LYS B 325 14.81 26.38 -14.92
N VAL B 326 14.77 25.20 -15.52
CA VAL B 326 14.07 24.07 -14.94
C VAL B 326 14.80 23.61 -13.68
N ARG B 327 16.12 23.48 -13.78
CA ARG B 327 16.94 23.14 -12.63
C ARG B 327 16.73 24.14 -11.49
N ASP B 328 16.66 25.42 -11.83
CA ASP B 328 16.45 26.47 -10.83
C ASP B 328 15.06 26.34 -10.16
N ILE B 329 14.04 26.11 -10.96
CA ILE B 329 12.68 25.92 -10.45
C ILE B 329 12.62 24.77 -9.45
N LEU B 330 13.39 23.72 -9.71
CA LEU B 330 13.37 22.55 -8.84
C LEU B 330 14.39 22.60 -7.72
N GLY B 331 15.16 23.68 -7.66
CA GLY B 331 16.21 23.80 -6.66
C GLY B 331 17.32 22.78 -6.80
N LEU B 332 17.66 22.43 -8.04
CA LEU B 332 18.67 21.40 -8.29
C LEU B 332 20.10 21.92 -8.10
N HIS C 20 -50.12 4.24 -21.91
CA HIS C 20 -49.65 3.23 -20.97
C HIS C 20 -48.15 3.37 -20.75
N MET C 21 -47.43 3.58 -21.84
CA MET C 21 -46.00 3.87 -21.79
C MET C 21 -45.71 4.98 -20.79
N ASN C 22 -46.58 5.98 -20.76
CA ASN C 22 -46.45 7.03 -19.76
C ASN C 22 -46.52 6.46 -18.34
N ALA C 23 -47.51 5.60 -18.11
CA ALA C 23 -47.72 5.03 -16.79
C ALA C 23 -46.59 4.08 -16.39
N THR C 24 -46.08 3.32 -17.35
CA THR C 24 -44.97 2.41 -17.09
C THR C 24 -43.78 3.21 -16.59
N ILE C 25 -43.42 4.25 -17.36
CA ILE C 25 -42.31 5.13 -16.99
C ILE C 25 -42.47 5.68 -15.59
N ARG C 26 -43.68 6.11 -15.26
CA ARG C 26 -43.97 6.67 -13.95
C ARG C 26 -43.77 5.67 -12.82
N GLU C 27 -44.09 4.40 -13.08
CA GLU C 27 -43.90 3.34 -12.08
C GLU C 27 -42.41 3.11 -11.82
N ILE C 28 -41.62 3.09 -12.89
CA ILE C 28 -40.18 2.92 -12.79
C ILE C 28 -39.54 4.07 -12.01
N LEU C 29 -40.03 5.28 -12.25
CA LEU C 29 -39.55 6.45 -11.54
C LEU C 29 -39.87 6.31 -10.05
N ALA C 30 -40.92 5.56 -9.75
CA ALA C 30 -41.21 5.20 -8.37
C ALA C 30 -40.32 4.03 -7.94
N LYS C 31 -40.08 3.11 -8.87
CA LYS C 31 -39.20 1.96 -8.62
C LYS C 31 -37.76 2.38 -8.30
N PHE C 32 -37.25 3.37 -9.05
CA PHE C 32 -35.82 3.69 -8.97
C PHE C 32 -35.48 5.17 -8.76
N GLY C 33 -36.44 6.05 -8.95
CA GLY C 33 -36.18 7.48 -8.93
C GLY C 33 -35.62 8.04 -7.64
N GLN C 34 -35.91 7.37 -6.52
CA GLN C 34 -35.51 7.85 -5.19
C GLN C 34 -36.06 9.23 -4.88
N LEU C 35 -37.12 9.64 -5.58
CA LEU C 35 -37.69 10.96 -5.42
C LEU C 35 -38.44 11.11 -4.10
N PRO C 36 -38.23 12.24 -3.41
CA PRO C 36 -38.85 12.50 -2.11
C PRO C 36 -40.37 12.73 -2.20
N THR C 37 -40.85 13.24 -3.32
CA THR C 37 -42.28 13.43 -3.53
C THR C 37 -42.81 12.44 -4.55
N PRO C 38 -43.92 11.76 -4.23
CA PRO C 38 -44.51 10.69 -5.05
C PRO C 38 -44.71 11.05 -6.52
N VAL C 39 -44.60 10.06 -7.39
CA VAL C 39 -44.60 10.26 -8.84
C VAL C 39 -45.92 10.81 -9.40
N ASP C 40 -47.03 10.46 -8.75
CA ASP C 40 -48.33 10.97 -9.16
C ASP C 40 -48.44 12.49 -9.02
N THR C 41 -47.61 13.05 -8.14
CA THR C 41 -47.55 14.50 -7.94
C THR C 41 -46.37 15.10 -8.71
N ILE C 42 -46.20 14.65 -9.96
CA ILE C 42 -45.16 15.16 -10.84
C ILE C 42 -45.66 15.24 -12.27
N ALA C 43 -45.57 16.41 -12.88
CA ALA C 43 -46.07 16.61 -14.24
C ALA C 43 -45.15 15.98 -15.28
N ASP C 44 -45.72 15.65 -16.44
CA ASP C 44 -44.96 15.11 -17.57
C ASP C 44 -43.77 15.99 -17.96
N GLU C 45 -44.05 17.25 -18.23
CA GLU C 45 -43.01 18.24 -18.43
C GLU C 45 -42.72 18.90 -17.10
N ALA C 46 -41.60 18.52 -16.48
CA ALA C 46 -41.19 19.05 -15.19
C ALA C 46 -39.74 18.64 -14.91
N ASP C 47 -38.99 19.51 -14.24
CA ASP C 47 -37.60 19.22 -13.95
C ASP C 47 -37.45 18.14 -12.88
N LEU C 48 -37.04 16.95 -13.31
CA LEU C 48 -36.85 15.81 -12.40
C LEU C 48 -35.66 16.01 -11.48
N TYR C 49 -34.64 16.70 -11.96
CA TYR C 49 -33.43 16.93 -11.18
C TYR C 49 -33.67 17.93 -10.06
N ALA C 50 -34.42 18.99 -10.38
CA ALA C 50 -34.86 19.95 -9.38
C ALA C 50 -35.79 19.24 -8.40
N ALA C 51 -36.57 18.29 -8.92
CA ALA C 51 -37.49 17.53 -8.10
C ALA C 51 -36.75 16.66 -7.09
N GLY C 52 -35.55 16.25 -7.43
CA GLY C 52 -34.72 15.47 -6.52
C GLY C 52 -34.13 14.21 -7.13
N LEU C 53 -33.99 14.20 -8.45
CA LEU C 53 -33.32 13.08 -9.11
C LEU C 53 -31.81 13.27 -9.10
N SER C 54 -31.10 12.41 -8.37
CA SER C 54 -29.65 12.49 -8.27
C SER C 54 -28.99 11.79 -9.44
N SER C 55 -27.67 11.93 -9.54
CA SER C 55 -26.90 11.30 -10.60
C SER C 55 -27.00 9.79 -10.56
N PHE C 56 -26.69 9.19 -9.40
CA PHE C 56 -26.72 7.75 -9.25
C PHE C 56 -28.13 7.21 -9.52
N ALA C 57 -29.13 7.93 -9.01
CA ALA C 57 -30.53 7.54 -9.20
C ALA C 57 -30.94 7.57 -10.67
N SER C 58 -30.58 8.66 -11.36
CA SER C 58 -30.93 8.83 -12.78
C SER C 58 -30.37 7.68 -13.61
N VAL C 59 -29.29 7.08 -13.13
CA VAL C 59 -28.68 5.96 -13.81
C VAL C 59 -29.41 4.66 -13.47
N GLN C 60 -29.86 4.54 -12.21
CA GLN C 60 -30.73 3.43 -11.82
C GLN C 60 -32.05 3.52 -12.59
N LEU C 61 -32.63 4.72 -12.59
CA LEU C 61 -33.86 4.98 -13.35
C LEU C 61 -33.71 4.57 -14.80
N MET C 62 -32.60 4.98 -15.40
CA MET C 62 -32.27 4.62 -16.77
C MET C 62 -32.22 3.10 -16.93
N LEU C 63 -31.69 2.42 -15.92
CA LEU C 63 -31.61 0.95 -15.94
C LEU C 63 -33.00 0.34 -15.76
N GLY C 64 -33.86 1.04 -15.04
CA GLY C 64 -35.24 0.61 -14.87
C GLY C 64 -36.04 0.73 -16.16
N ILE C 65 -35.85 1.86 -16.86
CA ILE C 65 -36.47 2.09 -18.16
C ILE C 65 -35.94 1.08 -19.18
N GLU C 66 -34.78 0.48 -18.89
CA GLU C 66 -34.24 -0.56 -19.75
C GLU C 66 -34.77 -1.94 -19.37
N GLU C 67 -35.05 -2.13 -18.09
CA GLU C 67 -35.60 -3.40 -17.60
C GLU C 67 -37.10 -3.56 -17.88
N ALA C 68 -37.88 -2.52 -17.59
CA ALA C 68 -39.34 -2.60 -17.74
C ALA C 68 -39.81 -2.59 -19.20
N PHE C 69 -39.01 -1.98 -20.08
CA PHE C 69 -39.12 -2.22 -21.51
C PHE C 69 -37.98 -3.19 -21.83
N ASP C 70 -37.68 -3.37 -23.11
CA ASP C 70 -36.51 -4.19 -23.46
C ASP C 70 -35.70 -3.48 -24.54
N ILE C 71 -35.10 -2.37 -24.17
CA ILE C 71 -34.41 -1.51 -25.13
C ILE C 71 -32.99 -1.16 -24.69
N GLU C 72 -32.23 -0.54 -25.59
CA GLU C 72 -30.86 -0.15 -25.29
C GLU C 72 -30.56 1.25 -25.81
N PHE C 73 -30.51 2.22 -24.91
CA PHE C 73 -30.20 3.60 -25.26
C PHE C 73 -28.86 3.70 -25.97
N PRO C 74 -28.82 4.44 -27.09
CA PRO C 74 -27.52 4.76 -27.69
C PRO C 74 -26.80 5.71 -26.73
N ASP C 75 -25.47 5.62 -26.67
CA ASP C 75 -24.74 6.48 -25.74
C ASP C 75 -24.75 7.95 -26.16
N ASN C 76 -25.45 8.25 -27.25
CA ASN C 76 -25.70 9.62 -27.64
C ASN C 76 -26.88 10.20 -26.86
N LEU C 77 -27.74 9.32 -26.37
CA LEU C 77 -28.88 9.74 -25.55
C LEU C 77 -28.65 9.35 -24.10
N LEU C 78 -27.44 8.92 -23.80
CA LEU C 78 -27.09 8.56 -22.44
C LEU C 78 -26.65 9.77 -21.65
N ASN C 79 -27.60 10.67 -21.37
CA ASN C 79 -27.27 11.93 -20.73
C ASN C 79 -28.41 12.53 -19.90
N ARG C 80 -28.08 13.60 -19.20
CA ARG C 80 -29.00 14.34 -18.36
C ARG C 80 -30.28 14.76 -19.10
N LYS C 81 -30.12 15.16 -20.35
CA LYS C 81 -31.23 15.70 -21.15
C LYS C 81 -32.33 14.67 -21.41
N SER C 82 -31.94 13.44 -21.72
CA SER C 82 -32.90 12.36 -21.98
C SER C 82 -33.77 12.01 -20.77
N PHE C 83 -33.36 12.44 -19.57
CA PHE C 83 -34.05 12.04 -18.35
C PHE C 83 -34.46 13.24 -17.51
N ALA C 84 -34.53 14.40 -18.17
CA ALA C 84 -34.87 15.64 -17.49
C ALA C 84 -36.32 15.65 -17.03
N SER C 85 -37.17 14.97 -17.78
CA SER C 85 -38.59 14.93 -17.47
C SER C 85 -39.22 13.65 -18.01
N ILE C 86 -40.35 13.28 -17.44
CA ILE C 86 -41.13 12.12 -17.89
C ILE C 86 -41.39 12.20 -19.39
N LYS C 87 -41.77 13.40 -19.85
CA LYS C 87 -42.04 13.64 -21.26
C LYS C 87 -40.77 13.46 -22.09
N ALA C 88 -39.66 13.99 -21.60
CA ALA C 88 -38.37 13.80 -22.25
C ALA C 88 -38.04 12.31 -22.33
N ILE C 89 -38.29 11.60 -21.23
CA ILE C 89 -38.10 10.15 -21.22
C ILE C 89 -39.04 9.47 -22.22
N GLU C 90 -40.32 9.80 -22.14
CA GLU C 90 -41.33 9.22 -23.04
C GLU C 90 -40.96 9.47 -24.49
N ASP C 91 -40.63 10.73 -24.80
CA ASP C 91 -40.24 11.09 -26.16
C ASP C 91 -38.98 10.36 -26.62
N THR C 92 -37.98 10.31 -25.75
CA THR C 92 -36.71 9.64 -26.07
C THR C 92 -36.95 8.16 -26.36
N VAL C 93 -37.70 7.50 -25.50
CA VAL C 93 -38.04 6.10 -25.69
C VAL C 93 -38.78 5.87 -27.01
N LYS C 94 -39.77 6.74 -27.28
CA LYS C 94 -40.53 6.67 -28.51
C LYS C 94 -39.62 6.84 -29.72
N LEU C 95 -38.71 7.82 -29.65
CA LEU C 95 -37.79 8.11 -30.75
C LEU C 95 -36.79 6.97 -31.01
N ILE C 96 -36.79 5.98 -30.14
CA ILE C 96 -35.88 4.85 -30.26
C ILE C 96 -36.51 3.70 -31.04
N LEU C 97 -37.65 3.22 -30.56
CA LEU C 97 -38.35 2.10 -31.17
C LEU C 97 -38.89 2.44 -32.57
N MET D 21 12.66 -48.00 16.16
CA MET D 21 12.64 -46.55 16.26
C MET D 21 13.59 -45.91 15.25
N ASN D 22 14.79 -46.47 15.13
CA ASN D 22 15.80 -45.96 14.20
C ASN D 22 15.30 -46.05 12.77
N ALA D 23 14.64 -47.15 12.44
CA ALA D 23 14.07 -47.34 11.12
C ALA D 23 12.94 -46.34 10.85
N THR D 24 12.25 -45.95 11.93
CA THR D 24 11.15 -45.00 11.82
C THR D 24 11.65 -43.57 11.55
N ILE D 25 12.88 -43.29 11.95
CA ILE D 25 13.47 -41.97 11.77
C ILE D 25 14.14 -41.82 10.41
N ARG D 26 14.74 -42.91 9.93
CA ARG D 26 15.42 -42.91 8.63
C ARG D 26 14.47 -42.65 7.47
N GLU D 27 13.23 -43.09 7.62
CA GLU D 27 12.20 -42.84 6.61
C GLU D 27 11.75 -41.37 6.65
N ILE D 28 11.64 -40.85 7.87
CA ILE D 28 11.24 -39.45 8.07
C ILE D 28 12.32 -38.50 7.56
N LEU D 29 13.57 -38.77 7.93
CA LEU D 29 14.70 -37.96 7.50
C LEU D 29 14.85 -37.98 5.98
N ALA D 30 14.45 -39.09 5.37
CA ALA D 30 14.47 -39.20 3.91
C ALA D 30 13.27 -38.48 3.30
N LYS D 31 12.19 -38.40 4.09
CA LYS D 31 10.95 -37.78 3.62
C LYS D 31 10.98 -36.25 3.73
N PHE D 32 11.46 -35.74 4.87
CA PHE D 32 11.39 -34.31 5.16
C PHE D 32 12.75 -33.63 5.33
N GLY D 33 13.82 -34.41 5.49
CA GLY D 33 15.14 -33.87 5.70
C GLY D 33 15.69 -33.11 4.51
N GLN D 34 15.37 -33.62 3.32
CA GLN D 34 15.79 -32.99 2.07
C GLN D 34 17.30 -32.74 1.97
N LEU D 35 18.08 -33.75 2.35
CA LEU D 35 19.53 -33.67 2.26
C LEU D 35 20.01 -34.22 0.91
N PRO D 36 21.11 -33.67 0.37
CA PRO D 36 21.59 -34.05 -0.98
C PRO D 36 22.12 -35.47 -1.13
N THR D 37 22.24 -36.21 -0.02
CA THR D 37 22.64 -37.63 -0.07
C THR D 37 21.67 -38.50 0.71
N PRO D 38 21.38 -39.71 0.20
CA PRO D 38 20.42 -40.66 0.80
C PRO D 38 20.58 -40.88 2.31
N VAL D 39 19.48 -41.16 2.99
CA VAL D 39 19.48 -41.33 4.45
C VAL D 39 20.19 -42.61 4.89
N ASP D 40 20.46 -43.50 3.94
CA ASP D 40 21.17 -44.74 4.20
C ASP D 40 22.68 -44.52 4.23
N THR D 41 23.09 -43.27 4.05
CA THR D 41 24.52 -42.92 4.04
C THR D 41 24.94 -42.29 5.38
N ILE D 42 24.01 -41.56 6.01
CA ILE D 42 24.28 -40.96 7.31
C ILE D 42 24.55 -42.02 8.37
N ALA D 43 25.42 -41.69 9.33
CA ALA D 43 25.94 -42.69 10.26
C ALA D 43 25.51 -42.52 11.73
N ASP D 44 24.32 -41.97 11.94
CA ASP D 44 23.73 -41.84 13.28
C ASP D 44 24.50 -40.95 14.28
N GLU D 45 25.76 -40.66 14.00
CA GLU D 45 26.58 -39.84 14.90
C GLU D 45 26.96 -38.52 14.23
N ALA D 46 26.93 -38.51 12.91
CA ALA D 46 27.31 -37.34 12.12
C ALA D 46 26.31 -36.20 12.26
N ASP D 47 26.84 -34.98 12.33
CA ASP D 47 26.01 -33.78 12.38
C ASP D 47 25.10 -33.70 11.16
N LEU D 48 23.80 -33.62 11.40
CA LEU D 48 22.81 -33.56 10.31
C LEU D 48 22.84 -32.22 9.57
N TYR D 49 23.28 -31.16 10.24
CA TYR D 49 23.35 -29.84 9.62
C TYR D 49 24.54 -29.74 8.67
N ALA D 50 25.67 -30.32 9.06
CA ALA D 50 26.82 -30.42 8.17
C ALA D 50 26.47 -31.36 7.01
N ALA D 51 25.56 -32.29 7.28
CA ALA D 51 25.08 -33.22 6.27
C ALA D 51 24.20 -32.54 5.22
N GLY D 52 23.61 -31.39 5.59
CA GLY D 52 22.81 -30.62 4.65
C GLY D 52 21.41 -30.27 5.13
N LEU D 53 21.12 -30.57 6.39
CA LEU D 53 19.82 -30.25 6.96
C LEU D 53 19.70 -28.74 7.22
N SER D 54 18.68 -28.12 6.64
CA SER D 54 18.42 -26.70 6.86
C SER D 54 17.43 -26.50 7.99
N SER D 55 17.23 -25.24 8.38
CA SER D 55 16.34 -24.89 9.48
C SER D 55 14.89 -25.27 9.22
N PHE D 56 14.40 -24.91 8.04
CA PHE D 56 13.01 -25.17 7.71
C PHE D 56 12.75 -26.65 7.43
N ALA D 57 13.79 -27.35 6.96
CA ALA D 57 13.72 -28.80 6.83
C ALA D 57 13.67 -29.44 8.22
N SER D 58 14.48 -28.90 9.14
CA SER D 58 14.56 -29.41 10.49
C SER D 58 13.24 -29.27 11.27
N VAL D 59 12.47 -28.23 10.98
CA VAL D 59 11.17 -28.08 11.64
C VAL D 59 10.14 -29.04 11.06
N GLN D 60 10.30 -29.35 9.78
CA GLN D 60 9.46 -30.35 9.13
C GLN D 60 9.84 -31.74 9.65
N LEU D 61 11.10 -31.89 10.04
CA LEU D 61 11.60 -33.12 10.62
C LEU D 61 11.05 -33.27 12.04
N MET D 62 11.05 -32.18 12.79
CA MET D 62 10.46 -32.16 14.12
C MET D 62 9.00 -32.57 14.07
N LEU D 63 8.25 -31.96 13.15
CA LEU D 63 6.82 -32.23 13.00
C LEU D 63 6.56 -33.68 12.61
N GLY D 64 7.50 -34.29 11.89
CA GLY D 64 7.39 -35.67 11.47
C GLY D 64 7.67 -36.66 12.60
N ILE D 65 8.55 -36.27 13.52
CA ILE D 65 8.86 -37.08 14.70
C ILE D 65 7.69 -37.05 15.68
N GLU D 66 6.91 -35.97 15.64
CA GLU D 66 5.72 -35.85 16.47
C GLU D 66 4.54 -36.61 15.87
N GLU D 67 4.57 -36.81 14.56
CA GLU D 67 3.47 -37.46 13.85
C GLU D 67 3.63 -38.97 13.76
N ALA D 68 4.85 -39.43 13.48
CA ALA D 68 5.13 -40.87 13.40
C ALA D 68 5.03 -41.52 14.78
N PHE D 69 5.15 -40.68 15.82
CA PHE D 69 4.88 -41.13 17.18
C PHE D 69 3.65 -40.36 17.66
N ASP D 70 3.41 -40.34 18.97
CA ASP D 70 2.30 -39.57 19.51
C ASP D 70 2.79 -38.66 20.63
N ILE D 71 3.81 -37.87 20.33
CA ILE D 71 4.44 -37.02 21.33
C ILE D 71 4.62 -35.59 20.84
N GLU D 72 4.63 -34.65 21.79
CA GLU D 72 4.88 -33.24 21.50
C GLU D 72 6.05 -32.74 22.35
N PHE D 73 7.13 -32.33 21.69
CA PHE D 73 8.32 -31.82 22.36
C PHE D 73 8.01 -30.67 23.30
N PRO D 74 8.61 -30.68 24.49
CA PRO D 74 8.55 -29.46 25.31
C PRO D 74 9.42 -28.41 24.63
N ASP D 75 9.02 -27.14 24.67
CA ASP D 75 9.78 -26.09 24.01
C ASP D 75 11.20 -25.95 24.56
N ASN D 76 11.47 -26.64 25.66
CA ASN D 76 12.81 -26.73 26.22
C ASN D 76 13.76 -27.52 25.33
N LEU D 77 13.26 -28.63 24.78
CA LEU D 77 14.05 -29.48 23.91
C LEU D 77 13.74 -29.20 22.45
N LEU D 78 12.94 -28.16 22.21
CA LEU D 78 12.56 -27.79 20.86
C LEU D 78 13.60 -26.85 20.26
N ASN D 79 14.69 -27.43 19.75
CA ASN D 79 15.82 -26.63 19.32
C ASN D 79 16.77 -27.36 18.38
N ARG D 80 17.82 -26.64 17.99
CA ARG D 80 18.84 -27.12 17.06
C ARG D 80 19.54 -28.38 17.59
N LYS D 81 19.80 -28.39 18.90
CA LYS D 81 20.55 -29.46 19.55
C LYS D 81 19.89 -30.83 19.44
N SER D 82 18.57 -30.88 19.61
CA SER D 82 17.84 -32.14 19.63
C SER D 82 17.76 -32.81 18.26
N PHE D 83 18.19 -32.11 17.22
CA PHE D 83 18.11 -32.63 15.86
C PHE D 83 19.44 -32.58 15.14
N ALA D 84 20.52 -32.53 15.94
CA ALA D 84 21.89 -32.45 15.42
C ALA D 84 22.31 -33.73 14.70
N SER D 85 21.99 -34.88 15.28
CA SER D 85 22.29 -36.16 14.65
C SER D 85 21.15 -37.15 14.85
N ILE D 86 21.28 -38.33 14.24
CA ILE D 86 20.25 -39.36 14.33
C ILE D 86 20.19 -39.97 15.74
N LYS D 87 21.34 -40.02 16.41
CA LYS D 87 21.39 -40.52 17.79
C LYS D 87 20.88 -39.46 18.75
N ALA D 88 20.99 -38.20 18.34
CA ALA D 88 20.46 -37.10 19.14
C ALA D 88 18.94 -37.18 19.20
N ILE D 89 18.33 -37.46 18.05
CA ILE D 89 16.88 -37.57 17.94
C ILE D 89 16.33 -38.75 18.74
N GLU D 90 16.91 -39.92 18.53
CA GLU D 90 16.47 -41.15 19.19
C GLU D 90 16.48 -41.03 20.72
N ASP D 91 17.56 -40.49 21.26
CA ASP D 91 17.67 -40.29 22.70
C ASP D 91 16.58 -39.37 23.24
N THR D 92 16.27 -38.33 22.47
CA THR D 92 15.30 -37.32 22.89
C THR D 92 13.89 -37.87 23.01
N VAL D 93 13.55 -38.78 22.10
CA VAL D 93 12.21 -39.37 22.06
C VAL D 93 11.90 -40.17 23.33
N LYS D 94 12.82 -41.05 23.70
CA LYS D 94 12.65 -41.91 24.88
C LYS D 94 12.44 -41.09 26.15
N LEU D 95 13.04 -39.91 26.19
CA LEU D 95 12.89 -39.01 27.33
C LEU D 95 11.57 -38.25 27.26
ZN ZN E . 15.22 -6.86 6.24
CL CL F . 7.40 1.47 12.42
P 5GP G . 10.68 -6.87 12.15
O1P 5GP G . 9.46 -7.61 12.60
O2P 5GP G . 11.26 -7.18 10.76
O3P 5GP G . 11.84 -6.95 13.15
O5' 5GP G . 10.27 -5.33 12.11
C5' 5GP G . 11.24 -4.33 11.88
C4' 5GP G . 10.90 -3.07 12.64
O4' 5GP G . 9.63 -2.56 12.16
C3' 5GP G . 10.69 -3.24 14.12
O3' 5GP G . 11.93 -3.22 14.84
C2' 5GP G . 9.77 -2.08 14.47
O2' 5GP G . 10.54 -0.90 14.66
C1' 5GP G . 8.93 -1.93 13.20
N9 5GP G . 7.60 -2.58 13.31
C8 5GP G . 7.37 -3.93 13.22
N7 5GP G . 6.09 -4.24 13.36
C5 5GP G . 5.47 -3.02 13.56
C6 5GP G . 4.10 -2.71 13.82
O6 5GP G . 3.16 -3.49 13.88
N1 5GP G . 3.89 -1.34 13.99
C2 5GP G . 4.86 -0.39 13.89
N2 5GP G . 4.48 0.90 13.98
N3 5GP G . 6.15 -0.67 13.67
C4 5GP G . 6.37 -1.99 13.52
ZN ZN H . -9.38 13.81 -5.04
P AMP I . -7.69 10.60 -11.26
O1P AMP I . -8.36 10.36 -9.95
O2P AMP I . -7.96 11.91 -11.97
O3P AMP I . -7.94 9.45 -12.24
O5' AMP I . -6.12 10.50 -11.01
C5' AMP I . -5.37 11.62 -10.60
C4' AMP I . -4.00 11.61 -11.21
O4' AMP I . -3.29 10.41 -10.80
C3' AMP I . -3.99 11.55 -12.73
O3' AMP I . -4.16 12.83 -13.31
C2' AMP I . -2.66 10.89 -13.05
O2' AMP I . -1.62 11.86 -13.08
C1' AMP I . -2.44 9.98 -11.83
N9 AMP I . -2.77 8.57 -12.14
C8 AMP I . -4.02 8.02 -12.28
N7 AMP I . -4.00 6.75 -12.61
C5 AMP I . -2.66 6.44 -12.70
C6 AMP I . -1.97 5.27 -13.05
N6 AMP I . -2.59 4.11 -13.36
N1 AMP I . -0.63 5.31 -13.09
C2 AMP I . -0.02 6.45 -12.76
N3 AMP I . -0.55 7.61 -12.39
C4 AMP I . -1.88 7.55 -12.40
O23 PNS J . -24.21 15.01 -12.06
P24 PNS J . -24.14 13.49 -11.85
O25 PNS J . -24.23 12.68 -13.14
O27 PNS J . -22.76 13.09 -11.13
C28 PNS J . -22.08 13.89 -10.16
C29 PNS J . -21.15 12.95 -9.37
C30 PNS J . -20.24 13.83 -8.49
C31 PNS J . -21.96 12.02 -8.47
C32 PNS J . -20.27 12.10 -10.32
O33 PNS J . -19.71 12.87 -11.38
C34 PNS J . -19.12 11.38 -9.57
O35 PNS J . -19.35 10.33 -8.97
N36 PNS J . -17.91 11.94 -9.61
C37 PNS J . -16.83 11.52 -8.75
C38 PNS J . -16.22 10.21 -9.19
C39 PNS J . -15.16 9.75 -8.23
O40 PNS J . -15.45 9.07 -7.24
N41 PNS J . -13.92 10.15 -8.49
C42 PNS J . -12.80 9.91 -7.58
C43 PNS J . -12.68 11.06 -6.55
S44 PNS J . -12.45 12.58 -7.50
O23 PNS K . 16.54 -22.40 12.66
P24 PNS K . 17.57 -22.01 11.58
O25 PNS K . 18.98 -21.77 12.14
O27 PNS K . 17.04 -20.68 10.86
C28 PNS K . 17.88 -19.67 10.28
C29 PNS K . 16.99 -18.79 9.36
C30 PNS K . 17.81 -17.60 8.87
C31 PNS K . 16.54 -19.62 8.14
C32 PNS K . 15.73 -18.27 10.12
O33 PNS K . 16.05 -17.75 11.39
C34 PNS K . 14.97 -17.19 9.31
O35 PNS K . 14.20 -17.54 8.40
N36 PNS K . 15.18 -15.91 9.61
C37 PNS K . 14.58 -14.81 8.87
C38 PNS K . 13.21 -14.47 9.38
C39 PNS K . 12.56 -13.37 8.58
O40 PNS K . 12.25 -13.54 7.41
N41 PNS K . 12.36 -12.22 9.22
C42 PNS K . 11.78 -11.05 8.59
C43 PNS K . 12.72 -10.43 7.52
S44 PNS K . 14.15 -9.76 8.44
#